data_1USI
#
_entry.id   1USI
#
_cell.length_a   68.236
_cell.length_b   78.143
_cell.length_c   70.183
_cell.angle_alpha   90.00
_cell.angle_beta   102.82
_cell.angle_gamma   90.00
#
_symmetry.space_group_name_H-M   'P 1 21 1'
#
loop_
_entity.id
_entity.type
_entity.pdbx_description
1 polymer 'LEUCINE-SPECIFIC BINDING PROTEIN'
2 non-polymer PHENYLALANINE
3 water water
#
_entity_poly.entity_id   1
_entity_poly.type   'polypeptide(L)'
_entity_poly.pdbx_seq_one_letter_code
;DDIKVAVVGAMSGPIAQWGDMEFNGARQAIKDINAKGGIKGDKLVGVEYDDACDPKQAVAVANKIVNDGIKYVIGHLCSS
STQPASDIYEDEGILMISPGATNPELTQRGYQHIMRTAGLDSSQGPTAAKYILETVKPQRIAIIHDKQQYGEGLARSVQD
GLKAANANVVFFDGITAGEKDFSALIARLKKENIDFVYYGGYYPEMGQMLRQARSVGLKTQFMGPEGVGNASLSNIAGDA
AEGMLVTMPKRYDQDPANQGIVDALKADKKDPSGPYVWITYAAVQSLATALERTGSDEPLALVKDLKANGANTVIGPLNW
DEKGDLKGFDFGVFQWHADGSSTKAK
;
_entity_poly.pdbx_strand_id   A,C
#
# COMPACT_ATOMS: atom_id res chain seq x y z
N ASP A 1 -22.52 -32.32 -13.64
CA ASP A 1 -22.81 -30.93 -13.88
C ASP A 1 -21.74 -30.16 -13.13
N ASP A 2 -21.69 -28.87 -13.40
CA ASP A 2 -20.85 -27.94 -12.67
C ASP A 2 -21.18 -28.02 -11.17
N ILE A 3 -20.16 -27.87 -10.32
CA ILE A 3 -20.33 -27.77 -8.87
C ILE A 3 -20.02 -26.33 -8.45
N LYS A 4 -21.01 -25.63 -7.94
CA LYS A 4 -20.83 -24.25 -7.51
C LYS A 4 -20.29 -24.17 -6.12
N VAL A 5 -19.29 -23.32 -5.94
CA VAL A 5 -18.67 -23.10 -4.66
C VAL A 5 -18.70 -21.58 -4.44
N ALA A 6 -19.30 -21.11 -3.35
CA ALA A 6 -19.29 -19.68 -3.05
C ALA A 6 -17.90 -19.35 -2.43
N VAL A 7 -17.32 -18.23 -2.82
CA VAL A 7 -16.13 -17.69 -2.24
C VAL A 7 -16.45 -16.30 -1.70
N VAL A 8 -16.18 -16.04 -0.42
CA VAL A 8 -16.76 -14.91 0.24
C VAL A 8 -15.70 -14.18 1.04
N GLY A 9 -15.60 -12.89 0.78
CA GLY A 9 -14.76 -12.04 1.62
C GLY A 9 -14.78 -10.62 1.11
N ALA A 10 -13.86 -9.80 1.58
CA ALA A 10 -13.87 -8.41 1.26
C ALA A 10 -13.35 -8.18 -0.16
N MET A 11 -14.15 -7.59 -1.01
CA MET A 11 -13.69 -7.05 -2.32
C MET A 11 -13.90 -5.53 -2.35
N SER A 12 -14.26 -4.97 -1.20
CA SER A 12 -14.41 -3.52 -1.00
C SER A 12 -14.21 -3.28 0.49
N GLY A 13 -14.08 -2.03 0.85
CA GLY A 13 -13.80 -1.71 2.23
C GLY A 13 -12.34 -1.64 2.55
N PRO A 14 -12.07 -1.29 3.80
CA PRO A 14 -10.72 -0.91 4.18
C PRO A 14 -9.69 -2.05 4.20
N ILE A 15 -10.14 -3.30 4.32
CA ILE A 15 -9.19 -4.41 4.28
C ILE A 15 -9.34 -5.33 3.07
N ALA A 16 -9.73 -4.70 1.97
CA ALA A 16 -9.95 -5.40 0.73
C ALA A 16 -8.65 -6.08 0.28
N GLN A 17 -7.49 -5.64 0.74
CA GLN A 17 -6.25 -6.28 0.29
C GLN A 17 -6.12 -7.74 0.75
N TRP A 18 -6.65 -8.04 1.93
CA TRP A 18 -6.61 -9.42 2.44
C TRP A 18 -7.53 -10.23 1.59
N GLY A 19 -8.63 -9.63 1.22
CA GLY A 19 -9.54 -10.31 0.28
C GLY A 19 -8.94 -10.60 -1.07
N ASP A 20 -8.12 -9.68 -1.56
CA ASP A 20 -7.44 -9.88 -2.84
C ASP A 20 -6.65 -11.20 -2.82
N MET A 21 -5.94 -11.45 -1.71
CA MET A 21 -5.22 -12.69 -1.53
C MET A 21 -6.13 -13.90 -1.57
N GLU A 22 -7.26 -13.81 -0.85
CA GLU A 22 -8.15 -14.87 -0.71
C GLU A 22 -8.66 -15.27 -2.11
N PHE A 23 -9.18 -14.29 -2.85
CA PHE A 23 -9.77 -14.54 -4.15
C PHE A 23 -8.69 -15.02 -5.11
N ASN A 24 -7.51 -14.48 -5.01
CA ASN A 24 -6.43 -14.91 -5.94
C ASN A 24 -6.12 -16.41 -5.68
N GLY A 25 -6.13 -16.81 -4.43
CA GLY A 25 -5.87 -18.19 -4.06
C GLY A 25 -6.98 -19.13 -4.50
N ALA A 26 -8.23 -18.75 -4.19
CA ALA A 26 -9.39 -19.55 -4.55
C ALA A 26 -9.40 -19.74 -6.05
N ARG A 27 -9.16 -18.66 -6.80
CA ARG A 27 -9.28 -18.76 -8.26
C ARG A 27 -8.23 -19.69 -8.81
N GLN A 28 -7.00 -19.57 -8.32
CA GLN A 28 -5.94 -20.43 -8.84
C GLN A 28 -6.22 -21.92 -8.49
N ALA A 29 -6.73 -22.19 -7.29
CA ALA A 29 -7.05 -23.56 -6.86
C ALA A 29 -8.15 -24.17 -7.79
N ILE A 30 -9.17 -23.39 -8.06
CA ILE A 30 -10.31 -23.84 -8.89
C ILE A 30 -9.75 -24.10 -10.30
N LYS A 31 -8.98 -23.17 -10.83
CA LYS A 31 -8.37 -23.38 -12.14
C LYS A 31 -7.53 -24.63 -12.20
N ASP A 32 -6.73 -24.84 -11.17
CA ASP A 32 -5.78 -25.98 -11.16
C ASP A 32 -6.52 -27.33 -11.03
N ILE A 33 -7.57 -27.36 -10.23
CA ILE A 33 -8.31 -28.56 -10.05
C ILE A 33 -9.08 -28.89 -11.34
N ASN A 34 -9.65 -27.90 -11.99
CA ASN A 34 -10.35 -28.09 -13.24
C ASN A 34 -9.39 -28.49 -14.38
N ALA A 35 -8.16 -27.98 -14.37
CA ALA A 35 -7.18 -28.30 -15.41
C ALA A 35 -6.76 -29.74 -15.26
N LYS A 36 -6.79 -30.24 -14.04
CA LYS A 36 -6.39 -31.61 -13.72
C LYS A 36 -7.53 -32.61 -13.88
N GLY A 37 -8.67 -32.18 -14.38
CA GLY A 37 -9.79 -33.10 -14.50
C GLY A 37 -11.07 -32.77 -13.78
N GLY A 38 -11.05 -31.75 -12.92
CA GLY A 38 -12.19 -31.47 -12.08
C GLY A 38 -12.41 -32.53 -11.01
N ILE A 39 -13.66 -32.69 -10.60
CA ILE A 39 -14.04 -33.64 -9.57
C ILE A 39 -14.74 -34.78 -10.34
N LYS A 40 -13.96 -35.77 -10.74
CA LYS A 40 -14.39 -36.83 -11.64
C LYS A 40 -15.15 -36.26 -12.84
N GLY A 41 -14.60 -35.22 -13.44
CA GLY A 41 -15.15 -34.69 -14.67
C GLY A 41 -15.98 -33.44 -14.48
N ASP A 42 -16.57 -33.27 -13.27
CA ASP A 42 -17.38 -32.10 -12.97
C ASP A 42 -16.47 -30.90 -12.61
N LYS A 43 -16.77 -29.75 -13.18
CA LYS A 43 -15.93 -28.59 -13.05
C LYS A 43 -16.45 -27.79 -11.82
N LEU A 44 -15.53 -27.29 -11.03
CA LEU A 44 -15.81 -26.38 -9.94
C LEU A 44 -15.98 -25.03 -10.53
N VAL A 45 -17.04 -24.35 -10.11
CA VAL A 45 -17.34 -23.00 -10.52
C VAL A 45 -17.40 -22.15 -9.28
N GLY A 46 -16.53 -21.18 -9.24
CA GLY A 46 -16.45 -20.24 -8.14
C GLY A 46 -17.56 -19.19 -8.32
N VAL A 47 -18.29 -18.91 -7.25
CA VAL A 47 -19.26 -17.83 -7.31
C VAL A 47 -18.81 -16.89 -6.19
N GLU A 48 -18.43 -15.68 -6.57
CA GLU A 48 -17.75 -14.75 -5.67
C GLU A 48 -18.75 -13.74 -5.09
N TYR A 49 -18.69 -13.55 -3.80
CA TYR A 49 -19.52 -12.57 -3.10
C TYR A 49 -18.67 -11.66 -2.24
N ASP A 50 -18.97 -10.36 -2.26
CA ASP A 50 -18.28 -9.39 -1.47
C ASP A 50 -19.13 -9.14 -0.23
N ASP A 51 -18.61 -9.51 0.94
CA ASP A 51 -19.27 -9.12 2.18
C ASP A 51 -18.64 -7.89 2.82
N ALA A 52 -17.70 -7.25 2.13
CA ALA A 52 -16.95 -6.06 2.66
C ALA A 52 -16.36 -6.24 4.08
N CYS A 53 -16.19 -7.49 4.50
CA CYS A 53 -15.78 -7.81 5.85
C CYS A 53 -16.67 -6.99 6.84
N ASP A 54 -17.97 -6.97 6.55
CA ASP A 54 -18.91 -6.19 7.36
C ASP A 54 -19.98 -7.11 7.87
N PRO A 55 -20.24 -7.19 9.19
CA PRO A 55 -21.18 -8.17 9.70
C PRO A 55 -22.56 -8.10 9.05
N LYS A 56 -23.10 -6.91 8.83
CA LYS A 56 -24.44 -6.83 8.19
C LYS A 56 -24.41 -7.30 6.74
N GLN A 57 -23.38 -6.94 5.98
CA GLN A 57 -23.37 -7.41 4.60
C GLN A 57 -23.15 -8.95 4.55
N ALA A 58 -22.34 -9.47 5.46
CA ALA A 58 -22.11 -10.92 5.54
C ALA A 58 -23.38 -11.75 5.72
N VAL A 59 -24.23 -11.31 6.62
CA VAL A 59 -25.54 -11.89 6.79
C VAL A 59 -26.38 -11.87 5.50
N ALA A 60 -26.34 -10.74 4.77
CA ALA A 60 -27.05 -10.62 3.49
C ALA A 60 -26.50 -11.58 2.47
N VAL A 61 -25.16 -11.71 2.43
CA VAL A 61 -24.51 -12.68 1.56
C VAL A 61 -24.89 -14.09 1.92
N ALA A 62 -24.85 -14.44 3.20
CA ALA A 62 -25.24 -15.79 3.58
C ALA A 62 -26.66 -16.15 3.13
N ASN A 63 -27.58 -15.22 3.33
CA ASN A 63 -29.00 -15.41 2.93
C ASN A 63 -29.15 -15.52 1.41
N LYS A 64 -28.39 -14.71 0.68
CA LYS A 64 -28.31 -14.83 -0.77
C LYS A 64 -27.76 -16.19 -1.17
N ILE A 65 -26.68 -16.66 -0.54
CA ILE A 65 -26.15 -17.99 -0.88
C ILE A 65 -27.19 -19.11 -0.70
N VAL A 66 -27.95 -19.03 0.38
CA VAL A 66 -28.99 -20.01 0.66
C VAL A 66 -30.05 -19.98 -0.46
N ASN A 67 -30.47 -18.79 -0.78
CA ASN A 67 -31.42 -18.56 -1.85
C ASN A 67 -30.91 -19.03 -3.17
N ASP A 68 -29.58 -18.89 -3.41
CA ASP A 68 -28.94 -19.27 -4.66
C ASP A 68 -28.80 -20.77 -4.83
N GLY A 69 -29.05 -21.54 -3.77
CA GLY A 69 -28.98 -22.98 -3.82
C GLY A 69 -27.57 -23.54 -3.70
N ILE A 70 -26.62 -22.72 -3.34
CA ILE A 70 -25.20 -23.15 -3.20
C ILE A 70 -25.04 -23.88 -1.86
N LYS A 71 -24.33 -25.00 -1.90
CA LYS A 71 -24.21 -25.86 -0.76
C LYS A 71 -22.86 -25.76 -0.03
N TYR A 72 -21.90 -25.13 -0.65
CA TYR A 72 -20.51 -25.08 -0.13
C TYR A 72 -20.01 -23.70 -0.20
N VAL A 73 -19.40 -23.22 0.89
CA VAL A 73 -18.90 -21.86 1.00
C VAL A 73 -17.45 -21.87 1.48
N ILE A 74 -16.56 -21.27 0.71
CA ILE A 74 -15.20 -20.99 1.20
C ILE A 74 -15.27 -19.51 1.66
N GLY A 75 -15.33 -19.32 2.96
CA GLY A 75 -15.58 -17.98 3.51
C GLY A 75 -16.01 -18.13 4.96
N HIS A 76 -16.27 -17.00 5.63
CA HIS A 76 -15.96 -15.67 5.12
C HIS A 76 -14.47 -15.37 5.48
N LEU A 77 -14.07 -14.11 5.44
CA LEU A 77 -12.69 -13.75 5.61
C LEU A 77 -12.38 -13.32 7.08
N CYS A 78 -13.17 -12.45 7.64
CA CYS A 78 -12.96 -11.81 8.97
C CYS A 78 -13.83 -12.56 9.99
N SER A 79 -13.45 -12.50 11.23
CA SER A 79 -14.18 -13.21 12.28
C SER A 79 -15.58 -12.69 12.45
N SER A 80 -15.76 -11.36 12.49
CA SER A 80 -17.06 -10.79 12.82
C SER A 80 -18.02 -10.86 11.68
N SER A 81 -17.54 -11.13 10.46
CA SER A 81 -18.41 -11.45 9.33
C SER A 81 -18.74 -12.98 9.24
N THR A 82 -17.73 -13.82 9.51
CA THR A 82 -17.86 -15.28 9.41
C THR A 82 -18.81 -15.84 10.47
N GLN A 83 -18.76 -15.32 11.71
CA GLN A 83 -19.56 -15.94 12.74
C GLN A 83 -21.05 -15.75 12.56
N PRO A 84 -21.60 -14.54 12.35
CA PRO A 84 -23.06 -14.46 12.06
C PRO A 84 -23.45 -15.14 10.80
N ALA A 85 -22.58 -15.15 9.79
CA ALA A 85 -22.91 -15.96 8.62
C ALA A 85 -22.99 -17.45 8.94
N SER A 86 -22.06 -17.96 9.80
CA SER A 86 -21.99 -19.38 10.12
C SER A 86 -23.33 -19.87 10.76
N ASP A 87 -24.02 -18.96 11.44
CA ASP A 87 -25.30 -19.28 12.11
C ASP A 87 -26.33 -19.67 11.08
N ILE A 88 -26.38 -18.93 9.97
CA ILE A 88 -27.25 -19.24 8.84
C ILE A 88 -26.84 -20.52 8.10
N TYR A 89 -25.53 -20.67 7.83
CA TYR A 89 -25.05 -21.86 7.16
C TYR A 89 -25.37 -23.11 7.99
N GLU A 90 -25.11 -23.07 9.28
CA GLU A 90 -25.37 -24.18 10.15
C GLU A 90 -26.86 -24.57 10.15
N ASP A 91 -27.70 -23.56 10.15
CA ASP A 91 -29.16 -23.75 10.26
C ASP A 91 -29.69 -24.36 8.96
N GLU A 92 -29.12 -23.89 7.85
CA GLU A 92 -29.51 -24.35 6.54
C GLU A 92 -28.77 -25.57 5.99
N GLY A 93 -27.82 -26.14 6.72
CA GLY A 93 -27.18 -27.35 6.27
C GLY A 93 -26.10 -27.06 5.19
N ILE A 94 -25.47 -25.88 5.24
CA ILE A 94 -24.46 -25.48 4.20
C ILE A 94 -23.05 -25.64 4.76
N LEU A 95 -22.17 -26.23 3.97
CA LEU A 95 -20.79 -26.37 4.36
C LEU A 95 -20.10 -25.04 4.27
N MET A 96 -19.35 -24.69 5.33
CA MET A 96 -18.61 -23.46 5.36
C MET A 96 -17.20 -23.71 5.91
N ILE A 97 -16.20 -23.46 5.09
CA ILE A 97 -14.81 -23.57 5.49
C ILE A 97 -14.23 -22.17 5.39
N SER A 98 -13.85 -21.57 6.51
CA SER A 98 -13.27 -20.26 6.48
C SER A 98 -11.71 -20.35 6.34
N PRO A 99 -11.17 -19.64 5.36
CA PRO A 99 -9.73 -19.53 5.21
C PRO A 99 -9.15 -18.37 5.94
N GLY A 100 -9.98 -17.60 6.67
CA GLY A 100 -9.58 -16.33 7.27
C GLY A 100 -9.86 -16.07 8.73
N ALA A 101 -10.95 -16.63 9.23
CA ALA A 101 -11.41 -16.30 10.57
C ALA A 101 -10.60 -17.05 11.61
N THR A 102 -10.01 -16.31 12.56
CA THR A 102 -9.15 -16.89 13.58
C THR A 102 -9.73 -16.84 15.00
N ASN A 103 -10.77 -16.07 15.22
CA ASN A 103 -11.32 -15.90 16.55
C ASN A 103 -11.88 -17.26 17.00
N PRO A 104 -11.56 -17.69 18.24
CA PRO A 104 -11.98 -19.00 18.70
C PRO A 104 -13.48 -19.34 18.75
N GLU A 105 -14.36 -18.38 18.93
CA GLU A 105 -15.73 -18.66 19.28
C GLU A 105 -16.47 -19.35 18.13
N LEU A 106 -16.08 -19.09 16.89
CA LEU A 106 -16.70 -19.67 15.73
C LEU A 106 -16.89 -21.17 15.91
N THR A 107 -15.89 -21.86 16.41
CA THR A 107 -15.92 -23.32 16.44
C THR A 107 -16.08 -23.86 17.87
N GLN A 108 -16.60 -23.05 18.77
CA GLN A 108 -16.74 -23.48 20.19
C GLN A 108 -18.22 -23.51 20.56
N ARG A 109 -19.09 -23.58 19.55
CA ARG A 109 -20.50 -23.53 19.81
C ARG A 109 -21.28 -24.80 19.41
N GLY A 110 -20.54 -25.87 19.22
CA GLY A 110 -21.10 -27.16 18.83
C GLY A 110 -21.46 -27.34 17.36
N TYR A 111 -21.10 -26.39 16.48
CA TYR A 111 -21.59 -26.44 15.12
C TYR A 111 -20.93 -27.57 14.36
N GLN A 112 -21.68 -28.18 13.45
CA GLN A 112 -21.30 -29.37 12.72
C GLN A 112 -20.91 -29.13 11.24
N HIS A 113 -21.29 -27.98 10.67
CA HIS A 113 -21.15 -27.74 9.24
C HIS A 113 -19.99 -26.74 8.98
N ILE A 114 -19.25 -26.39 10.04
CA ILE A 114 -18.26 -25.32 10.01
C ILE A 114 -16.87 -25.88 10.21
N MET A 115 -15.95 -25.38 9.39
CA MET A 115 -14.53 -25.67 9.55
C MET A 115 -13.67 -24.47 9.24
N ARG A 116 -12.36 -24.59 9.46
CA ARG A 116 -11.41 -23.52 9.01
C ARG A 116 -10.13 -24.15 8.52
N THR A 117 -9.44 -23.43 7.64
CA THR A 117 -8.07 -23.64 7.37
C THR A 117 -7.20 -22.53 7.94
N ALA A 118 -7.80 -21.47 8.50
CA ALA A 118 -7.08 -20.56 9.29
C ALA A 118 -6.77 -21.15 10.69
N GLY A 119 -5.74 -20.58 11.35
CA GLY A 119 -5.41 -20.88 12.74
C GLY A 119 -6.33 -20.26 13.74
N LEU A 120 -5.95 -20.33 15.02
CA LEU A 120 -6.75 -19.83 16.12
C LEU A 120 -6.00 -18.78 16.92
N ASP A 121 -6.72 -17.77 17.34
CA ASP A 121 -6.14 -16.74 18.18
C ASP A 121 -5.87 -17.21 19.59
N SER A 122 -6.46 -18.36 19.96
CA SER A 122 -6.08 -19.06 21.19
C SER A 122 -4.72 -19.67 21.10
N SER A 123 -4.14 -19.68 19.90
CA SER A 123 -2.76 -19.98 19.75
C SER A 123 -1.94 -18.71 19.41
N GLN A 124 -2.50 -17.83 18.58
CA GLN A 124 -1.76 -16.63 18.16
C GLN A 124 -1.46 -15.68 19.36
N GLY A 125 -2.46 -15.52 20.20
CA GLY A 125 -2.33 -14.63 21.36
C GLY A 125 -1.23 -15.09 22.30
N PRO A 126 -1.32 -16.33 22.79
CA PRO A 126 -0.26 -16.86 23.63
C PRO A 126 1.10 -16.82 22.99
N THR A 127 1.20 -17.03 21.70
CA THR A 127 2.51 -16.93 21.08
C THR A 127 3.07 -15.52 21.18
N ALA A 128 2.24 -14.51 20.99
CA ALA A 128 2.72 -13.12 21.11
C ALA A 128 3.16 -12.87 22.54
N ALA A 129 2.35 -13.32 23.50
CA ALA A 129 2.68 -13.05 24.88
C ALA A 129 4.00 -13.63 25.30
N LYS A 130 4.20 -14.87 24.94
CA LYS A 130 5.41 -15.62 25.23
C LYS A 130 6.63 -14.86 24.68
N TYR A 131 6.52 -14.37 23.43
CA TYR A 131 7.65 -13.70 22.76
C TYR A 131 7.92 -12.38 23.49
N ILE A 132 6.85 -11.69 23.90
CA ILE A 132 6.94 -10.43 24.63
C ILE A 132 7.65 -10.64 25.96
N LEU A 133 7.25 -11.68 26.65
CA LEU A 133 7.77 -11.96 27.99
C LEU A 133 9.18 -12.42 27.98
N GLU A 134 9.50 -13.30 27.04
CA GLU A 134 10.76 -14.05 27.00
C GLU A 134 11.84 -13.40 26.16
N THR A 135 11.47 -12.58 25.19
CA THR A 135 12.44 -11.96 24.32
C THR A 135 12.44 -10.43 24.39
N VAL A 136 11.30 -9.81 24.24
CA VAL A 136 11.26 -8.36 24.22
C VAL A 136 11.58 -7.84 25.62
N LYS A 137 10.95 -8.43 26.64
CA LYS A 137 11.10 -8.05 28.03
C LYS A 137 10.92 -6.56 28.21
N PRO A 138 9.71 -6.09 27.93
CA PRO A 138 9.42 -4.67 28.04
C PRO A 138 9.15 -4.25 29.50
N GLN A 139 9.26 -2.96 29.80
CA GLN A 139 9.07 -2.42 31.18
C GLN A 139 7.62 -1.97 31.38
N ARG A 140 7.11 -1.20 30.43
CA ARG A 140 5.81 -0.59 30.52
C ARG A 140 5.03 -0.83 29.22
N ILE A 141 3.88 -1.47 29.35
CA ILE A 141 3.14 -2.03 28.23
C ILE A 141 1.82 -1.34 28.12
N ALA A 142 1.39 -1.00 26.91
CA ALA A 142 0.00 -0.64 26.69
C ALA A 142 -0.54 -1.60 25.62
N ILE A 143 -1.82 -1.94 25.75
CA ILE A 143 -2.50 -2.79 24.82
C ILE A 143 -3.66 -2.07 24.20
N ILE A 144 -3.67 -2.03 22.87
CA ILE A 144 -4.68 -1.26 22.15
C ILE A 144 -5.42 -2.19 21.22
N HIS A 145 -6.65 -1.88 20.88
CA HIS A 145 -7.47 -2.72 19.98
C HIS A 145 -8.48 -1.86 19.24
N ASP A 146 -9.10 -2.43 18.21
CA ASP A 146 -10.13 -1.73 17.44
C ASP A 146 -11.58 -2.03 17.81
N LYS A 147 -11.82 -2.51 19.01
CA LYS A 147 -13.16 -2.74 19.55
C LYS A 147 -13.95 -3.79 18.75
N GLN A 148 -13.30 -4.51 17.86
CA GLN A 148 -13.94 -5.53 16.99
C GLN A 148 -13.52 -6.92 17.47
N GLN A 149 -14.33 -7.88 17.11
CA GLN A 149 -14.20 -9.24 17.68
C GLN A 149 -12.76 -9.80 17.56
N TYR A 150 -12.18 -9.70 16.38
CA TYR A 150 -10.87 -10.21 16.11
C TYR A 150 -9.83 -9.48 16.97
N GLY A 151 -9.77 -8.16 16.83
CA GLY A 151 -8.70 -7.38 17.43
C GLY A 151 -8.78 -7.31 18.91
N GLU A 152 -9.95 -6.99 19.40
CA GLU A 152 -10.14 -7.00 20.85
C GLU A 152 -9.94 -8.40 21.48
N GLY A 153 -10.44 -9.46 20.82
CA GLY A 153 -10.14 -10.84 21.21
C GLY A 153 -8.66 -11.09 21.46
N LEU A 154 -7.86 -10.78 20.43
CA LEU A 154 -6.42 -10.90 20.54
C LEU A 154 -5.75 -9.98 21.59
N ALA A 155 -6.16 -8.72 21.68
CA ALA A 155 -5.67 -7.80 22.71
C ALA A 155 -6.00 -8.38 24.12
N ARG A 156 -7.20 -8.93 24.31
CA ARG A 156 -7.54 -9.55 25.53
C ARG A 156 -6.68 -10.79 25.84
N SER A 157 -6.46 -11.62 24.83
CA SER A 157 -5.65 -12.83 24.97
C SER A 157 -4.20 -12.49 25.39
N VAL A 158 -3.59 -11.49 24.74
CA VAL A 158 -2.25 -11.04 25.05
C VAL A 158 -2.20 -10.42 26.44
N GLN A 159 -3.21 -9.62 26.81
CA GLN A 159 -3.26 -9.05 28.17
C GLN A 159 -3.29 -10.13 29.26
N ASP A 160 -4.13 -11.13 29.03
CA ASP A 160 -4.24 -12.32 29.87
C ASP A 160 -2.89 -13.04 30.00
N GLY A 161 -2.22 -13.35 28.88
CA GLY A 161 -0.89 -13.97 28.92
C GLY A 161 0.13 -13.11 29.71
N LEU A 162 0.16 -11.80 29.46
CA LEU A 162 1.09 -10.93 30.11
C LEU A 162 0.80 -10.78 31.61
N LYS A 163 -0.47 -10.60 31.98
CA LYS A 163 -0.86 -10.45 33.37
C LYS A 163 -0.68 -11.76 34.15
N ALA A 164 -0.81 -12.91 33.50
CA ALA A 164 -0.47 -14.18 34.16
C ALA A 164 0.97 -14.17 34.73
N ALA A 165 1.85 -13.55 34.01
CA ALA A 165 3.22 -13.37 34.45
C ALA A 165 3.49 -12.04 35.12
N ASN A 166 2.42 -11.41 35.59
CA ASN A 166 2.50 -10.13 36.36
C ASN A 166 3.23 -8.99 35.63
N ALA A 167 3.08 -8.94 34.32
CA ALA A 167 3.74 -7.91 33.54
C ALA A 167 3.05 -6.58 33.79
N ASN A 168 3.76 -5.50 33.54
CA ASN A 168 3.22 -4.18 33.85
C ASN A 168 2.42 -3.61 32.69
N VAL A 169 1.17 -4.01 32.59
CA VAL A 169 0.27 -3.46 31.60
C VAL A 169 -0.32 -2.21 32.23
N VAL A 170 0.04 -1.08 31.66
CA VAL A 170 -0.25 0.23 32.27
C VAL A 170 -1.65 0.60 31.92
N PHE A 171 -2.05 0.36 30.64
CA PHE A 171 -3.40 0.50 30.26
C PHE A 171 -3.81 -0.33 29.08
N PHE A 172 -5.12 -0.42 28.93
CA PHE A 172 -5.80 -1.19 27.90
C PHE A 172 -6.89 -0.27 27.35
N ASP A 173 -6.89 -0.05 26.04
CA ASP A 173 -7.85 0.85 25.42
C ASP A 173 -8.24 0.54 23.96
N GLY A 174 -9.43 0.98 23.57
CA GLY A 174 -9.95 0.80 22.22
C GLY A 174 -9.78 2.07 21.40
N ILE A 175 -9.58 1.89 20.09
CA ILE A 175 -9.64 3.01 19.14
C ILE A 175 -10.73 2.64 18.08
N THR A 176 -11.13 3.61 17.26
CA THR A 176 -12.15 3.37 16.26
C THR A 176 -11.49 3.10 14.92
N ALA A 177 -11.84 1.97 14.29
CA ALA A 177 -11.30 1.64 12.99
C ALA A 177 -11.63 2.78 12.04
N GLY A 178 -10.73 3.10 11.14
CA GLY A 178 -10.92 4.20 10.21
C GLY A 178 -10.27 5.48 10.65
N GLU A 179 -9.86 5.52 11.92
CA GLU A 179 -9.17 6.69 12.52
C GLU A 179 -7.86 7.05 11.92
N LYS A 180 -7.74 8.30 11.50
CA LYS A 180 -6.52 8.76 10.80
C LYS A 180 -5.62 9.57 11.72
N ASP A 181 -6.16 9.96 12.86
CA ASP A 181 -5.44 10.82 13.76
C ASP A 181 -5.21 10.16 15.12
N PHE A 182 -3.97 9.72 15.37
CA PHE A 182 -3.56 9.05 16.61
C PHE A 182 -2.74 9.95 17.53
N SER A 183 -2.80 11.26 17.30
CA SER A 183 -1.94 12.18 18.02
C SER A 183 -2.22 12.11 19.52
N ALA A 184 -3.44 11.95 19.92
CA ALA A 184 -3.80 11.77 21.32
C ALA A 184 -3.20 10.52 22.00
N LEU A 185 -3.41 9.36 21.38
CA LEU A 185 -2.80 8.13 21.87
C LEU A 185 -1.27 8.22 21.97
N ILE A 186 -0.64 8.77 20.92
CA ILE A 186 0.80 8.84 20.84
C ILE A 186 1.33 9.74 21.98
N ALA A 187 0.63 10.82 22.29
CA ALA A 187 1.02 11.74 23.40
C ALA A 187 0.96 11.03 24.75
N ARG A 188 -0.03 10.18 24.88
CA ARG A 188 -0.19 9.32 26.01
C ARG A 188 0.93 8.32 26.13
N LEU A 189 1.32 7.67 25.03
CA LEU A 189 2.41 6.69 25.08
C LEU A 189 3.69 7.39 25.51
N LYS A 190 3.91 8.61 24.99
CA LYS A 190 5.09 9.39 25.34
C LYS A 190 5.10 9.75 26.83
N LYS A 191 4.03 10.35 27.29
CA LYS A 191 3.91 10.93 28.66
C LYS A 191 3.99 9.78 29.67
N GLU A 192 3.36 8.67 29.29
CA GLU A 192 3.32 7.53 30.21
C GLU A 192 4.50 6.62 30.08
N ASN A 193 5.49 6.98 29.25
CA ASN A 193 6.73 6.25 29.04
C ASN A 193 6.55 4.79 28.69
N ILE A 194 5.68 4.57 27.73
CA ILE A 194 5.36 3.22 27.22
C ILE A 194 6.39 2.78 26.20
N ASP A 195 7.07 1.67 26.48
CA ASP A 195 8.10 1.21 25.65
C ASP A 195 7.64 0.05 24.82
N PHE A 196 6.46 -0.47 25.14
CA PHE A 196 5.87 -1.56 24.31
C PHE A 196 4.35 -1.46 24.13
N VAL A 197 3.89 -1.62 22.88
CA VAL A 197 2.47 -1.62 22.55
C VAL A 197 2.10 -2.87 21.72
N TYR A 198 1.03 -3.53 22.13
CA TYR A 198 0.41 -4.53 21.32
C TYR A 198 -0.91 -3.94 20.82
N TYR A 199 -1.16 -4.11 19.53
CA TYR A 199 -2.34 -3.59 18.89
C TYR A 199 -3.05 -4.76 18.23
N GLY A 200 -4.28 -5.02 18.70
CA GLY A 200 -5.15 -6.01 18.11
C GLY A 200 -6.04 -5.34 17.09
N GLY A 201 -5.79 -5.67 15.84
CA GLY A 201 -6.55 -5.15 14.71
C GLY A 201 -5.83 -5.37 13.41
N TYR A 202 -6.06 -4.46 12.46
CA TYR A 202 -5.62 -4.63 11.05
C TYR A 202 -4.70 -3.51 10.59
N TYR A 203 -4.06 -3.76 9.47
CA TYR A 203 -3.01 -2.91 9.02
C TYR A 203 -3.35 -1.42 8.83
N PRO A 204 -4.56 -1.01 8.48
CA PRO A 204 -4.76 0.43 8.20
C PRO A 204 -4.50 1.29 9.42
N GLU A 205 -4.98 0.81 10.56
CA GLU A 205 -4.77 1.51 11.82
C GLU A 205 -3.29 1.39 12.28
N MET A 206 -2.73 0.20 12.25
CA MET A 206 -1.37 -0.05 12.70
C MET A 206 -0.36 0.81 11.91
N GLY A 207 -0.54 0.90 10.61
CA GLY A 207 0.34 1.69 9.80
C GLY A 207 0.31 3.17 10.14
N GLN A 208 -0.86 3.69 10.41
CA GLN A 208 -1.01 5.11 10.74
C GLN A 208 -0.40 5.33 12.10
N MET A 209 -0.61 4.40 13.01
CA MET A 209 -0.09 4.59 14.35
C MET A 209 1.46 4.57 14.31
N LEU A 210 2.05 3.67 13.56
CA LEU A 210 3.48 3.59 13.47
C LEU A 210 4.07 4.88 12.90
N ARG A 211 3.48 5.37 11.80
CA ARG A 211 4.01 6.56 11.14
C ARG A 211 3.97 7.74 12.09
N GLN A 212 2.86 7.90 12.82
CA GLN A 212 2.68 9.05 13.75
C GLN A 212 3.52 8.94 15.00
N ALA A 213 3.80 7.73 15.41
CA ALA A 213 4.63 7.45 16.53
C ALA A 213 6.08 7.94 16.22
N ARG A 214 6.62 7.53 15.08
CA ARG A 214 7.98 7.86 14.76
C ARG A 214 8.13 9.34 14.45
N SER A 215 7.08 9.96 13.95
CA SER A 215 7.12 11.39 13.64
C SER A 215 7.34 12.22 14.91
N VAL A 216 6.92 11.76 16.10
CA VAL A 216 7.15 12.54 17.33
C VAL A 216 8.33 11.98 18.10
N GLY A 217 9.07 11.05 17.51
CA GLY A 217 10.21 10.53 18.19
C GLY A 217 9.97 9.39 19.16
N LEU A 218 8.79 8.77 19.20
CA LEU A 218 8.56 7.66 20.14
C LEU A 218 9.43 6.50 19.70
N LYS A 219 10.03 5.79 20.64
CA LYS A 219 10.88 4.69 20.32
C LYS A 219 10.17 3.39 20.68
N THR A 220 8.92 3.48 21.11
CA THR A 220 8.12 2.33 21.55
C THR A 220 8.21 1.19 20.52
N GLN A 221 8.47 -0.02 21.01
CA GLN A 221 8.29 -1.25 20.24
C GLN A 221 6.77 -1.59 20.07
N PHE A 222 6.33 -1.73 18.81
CA PHE A 222 5.00 -2.18 18.53
C PHE A 222 4.95 -3.60 18.05
N MET A 223 3.78 -4.21 18.24
CA MET A 223 3.53 -5.62 17.81
C MET A 223 2.06 -5.74 17.50
N GLY A 224 1.75 -6.58 16.52
CA GLY A 224 0.40 -6.91 16.19
C GLY A 224 0.29 -8.32 15.62
N PRO A 225 -0.96 -8.74 15.42
CA PRO A 225 -1.27 -10.07 14.89
C PRO A 225 -1.22 -10.05 13.38
N GLU A 226 -1.54 -11.18 12.78
CA GLU A 226 -1.28 -11.36 11.34
C GLU A 226 -2.11 -10.39 10.48
N GLY A 227 -3.20 -9.90 11.03
CA GLY A 227 -4.01 -8.86 10.45
C GLY A 227 -3.28 -7.59 10.05
N VAL A 228 -2.13 -7.30 10.66
CA VAL A 228 -1.35 -6.14 10.29
C VAL A 228 -0.24 -6.39 9.30
N GLY A 229 0.09 -7.66 9.05
CA GLY A 229 1.28 -8.09 8.31
C GLY A 229 1.09 -8.22 6.82
N ASN A 230 0.90 -7.08 6.18
CA ASN A 230 0.40 -6.96 4.79
C ASN A 230 1.46 -6.12 4.05
N ALA A 231 1.56 -6.25 2.73
CA ALA A 231 2.36 -5.31 1.92
C ALA A 231 1.95 -3.85 2.15
N SER A 232 0.66 -3.62 2.44
CA SER A 232 0.22 -2.28 2.70
C SER A 232 0.82 -1.67 3.95
N LEU A 233 1.14 -2.50 4.93
CA LEU A 233 1.58 -1.95 6.18
C LEU A 233 2.75 -1.02 5.96
N SER A 234 3.76 -1.45 5.25
CA SER A 234 4.99 -0.67 5.12
C SER A 234 4.79 0.58 4.24
N ASN A 235 3.90 0.47 3.26
CA ASN A 235 3.54 1.66 2.44
C ASN A 235 2.83 2.70 3.27
N ILE A 236 1.91 2.24 4.12
CA ILE A 236 1.19 3.15 4.94
C ILE A 236 2.09 3.75 5.99
N ALA A 237 2.91 2.93 6.63
CA ALA A 237 3.72 3.41 7.78
C ALA A 237 5.02 4.12 7.33
N GLY A 238 5.51 3.79 6.16
CA GLY A 238 6.80 4.29 5.71
C GLY A 238 7.94 3.65 6.46
N ASP A 239 9.04 4.41 6.70
CA ASP A 239 10.21 3.86 7.38
C ASP A 239 9.89 3.39 8.81
N ALA A 240 8.79 3.90 9.35
CA ALA A 240 8.24 3.56 10.69
C ALA A 240 7.84 2.09 10.82
N ALA A 241 7.67 1.41 9.71
CA ALA A 241 7.48 -0.05 9.73
C ALA A 241 8.66 -0.80 10.29
N GLU A 242 9.86 -0.23 10.14
CA GLU A 242 11.05 -0.94 10.53
C GLU A 242 10.94 -1.36 12.00
N GLY A 243 11.17 -2.64 12.26
CA GLY A 243 11.23 -3.10 13.63
C GLY A 243 9.89 -3.62 14.13
N MET A 244 8.79 -3.43 13.41
CA MET A 244 7.46 -3.81 13.97
C MET A 244 7.43 -5.27 14.08
N LEU A 245 6.89 -5.76 15.18
CA LEU A 245 6.78 -7.22 15.34
C LEU A 245 5.38 -7.70 14.89
N VAL A 246 5.31 -8.84 14.25
CA VAL A 246 4.03 -9.43 13.84
C VAL A 246 4.04 -10.98 13.97
N THR A 247 2.93 -11.56 14.42
CA THR A 247 2.79 -12.96 14.40
C THR A 247 2.11 -13.29 13.06
N MET A 248 2.64 -14.30 12.38
CA MET A 248 2.15 -14.65 11.05
C MET A 248 2.23 -16.16 10.81
N PRO A 249 1.38 -16.72 9.94
CA PRO A 249 1.54 -18.14 9.59
C PRO A 249 2.88 -18.34 8.87
N LYS A 250 3.29 -19.59 8.73
CA LYS A 250 4.48 -19.99 7.93
C LYS A 250 4.44 -19.39 6.52
N ARG A 251 5.60 -19.16 5.93
CA ARG A 251 5.70 -18.70 4.57
C ARG A 251 5.55 -19.86 3.59
N TYR A 252 4.30 -20.14 3.25
CA TYR A 252 4.00 -21.29 2.42
C TYR A 252 4.54 -21.09 1.01
N ASP A 253 4.67 -19.85 0.55
CA ASP A 253 5.29 -19.59 -0.75
C ASP A 253 6.75 -20.04 -0.89
N GLN A 254 7.40 -20.26 0.24
CA GLN A 254 8.79 -20.66 0.21
C GLN A 254 8.95 -22.16 0.30
N ASP A 255 7.85 -22.88 0.45
CA ASP A 255 7.89 -24.34 0.49
C ASP A 255 8.16 -24.75 -0.96
N PRO A 256 9.22 -25.51 -1.20
CA PRO A 256 9.51 -25.96 -2.57
C PRO A 256 8.37 -26.69 -3.31
N ALA A 257 7.49 -27.38 -2.58
CA ALA A 257 6.38 -28.08 -3.20
C ALA A 257 5.38 -27.12 -3.93
N ASN A 258 5.40 -25.84 -3.57
CA ASN A 258 4.45 -24.82 -4.07
C ASN A 258 5.02 -24.00 -5.21
N GLN A 259 6.22 -24.37 -5.70
CA GLN A 259 6.91 -23.55 -6.65
C GLN A 259 6.08 -23.37 -7.93
N GLY A 260 5.38 -24.43 -8.36
CA GLY A 260 4.51 -24.39 -9.54
C GLY A 260 3.36 -23.38 -9.44
N ILE A 261 2.74 -23.34 -8.26
CA ILE A 261 1.66 -22.35 -7.99
C ILE A 261 2.19 -20.96 -7.80
N VAL A 262 3.31 -20.83 -7.10
CA VAL A 262 4.03 -19.58 -7.05
C VAL A 262 4.28 -19.07 -8.47
N ASP A 263 4.73 -19.94 -9.37
CA ASP A 263 4.99 -19.53 -10.78
C ASP A 263 3.70 -19.13 -11.53
N ALA A 264 2.62 -19.84 -11.21
CA ALA A 264 1.32 -19.56 -11.84
C ALA A 264 0.86 -18.13 -11.47
N LEU A 265 0.95 -17.77 -10.20
CA LEU A 265 0.59 -16.45 -9.71
C LEU A 265 1.53 -15.42 -10.36
N LYS A 266 2.82 -15.76 -10.39
CA LYS A 266 3.78 -14.86 -11.01
C LYS A 266 3.54 -14.64 -12.48
N ALA A 267 3.06 -15.64 -13.23
CA ALA A 267 2.78 -15.48 -14.67
C ALA A 267 1.58 -14.51 -14.84
N ASP A 268 0.63 -14.50 -13.88
CA ASP A 268 -0.44 -13.47 -13.83
C ASP A 268 -0.03 -12.15 -13.26
N LYS A 269 1.18 -12.01 -12.81
CA LYS A 269 1.61 -10.82 -12.12
C LYS A 269 0.80 -10.52 -10.84
N LYS A 270 0.46 -11.58 -10.11
CA LYS A 270 -0.15 -11.47 -8.79
C LYS A 270 0.89 -11.81 -7.75
N ASP A 271 0.80 -11.18 -6.59
CA ASP A 271 1.79 -11.39 -5.54
C ASP A 271 1.48 -12.74 -4.87
N PRO A 272 2.41 -13.67 -4.88
CA PRO A 272 2.22 -14.96 -4.23
C PRO A 272 2.65 -15.06 -2.78
N SER A 273 3.13 -13.97 -2.19
CA SER A 273 3.82 -14.05 -0.89
C SER A 273 2.89 -14.05 0.32
N GLY A 274 1.65 -13.66 0.14
CA GLY A 274 0.81 -13.54 1.34
C GLY A 274 0.27 -14.88 1.85
N PRO A 275 0.34 -15.16 3.17
CA PRO A 275 -0.03 -16.51 3.65
C PRO A 275 -1.42 -16.90 3.21
N TYR A 276 -2.32 -15.92 3.06
CA TYR A 276 -3.75 -16.20 2.85
C TYR A 276 -4.08 -16.61 1.44
N VAL A 277 -3.16 -16.37 0.49
CA VAL A 277 -3.33 -17.03 -0.82
C VAL A 277 -3.38 -18.54 -0.61
N TRP A 278 -2.43 -19.04 0.15
CA TRP A 278 -2.20 -20.48 0.34
C TRP A 278 -3.25 -21.08 1.25
N ILE A 279 -3.62 -20.35 2.31
CA ILE A 279 -4.61 -20.85 3.24
C ILE A 279 -5.99 -20.98 2.56
N THR A 280 -6.30 -20.05 1.68
CA THR A 280 -7.52 -20.20 0.89
C THR A 280 -7.42 -21.31 -0.15
N TYR A 281 -6.29 -21.35 -0.91
CA TYR A 281 -6.06 -22.42 -1.86
C TYR A 281 -6.31 -23.77 -1.13
N ALA A 282 -5.77 -23.92 0.08
CA ALA A 282 -5.90 -25.16 0.83
C ALA A 282 -7.38 -25.49 1.21
N ALA A 283 -8.21 -24.46 1.43
CA ALA A 283 -9.63 -24.69 1.74
C ALA A 283 -10.34 -25.26 0.51
N VAL A 284 -9.98 -24.76 -0.65
CA VAL A 284 -10.57 -25.24 -1.89
C VAL A 284 -10.12 -26.72 -2.05
N GLN A 285 -8.82 -26.99 -1.84
CA GLN A 285 -8.28 -28.34 -1.97
C GLN A 285 -8.98 -29.27 -1.02
N SER A 286 -9.26 -28.79 0.18
CA SER A 286 -9.97 -29.58 1.20
C SER A 286 -11.38 -30.04 0.76
N LEU A 287 -12.13 -29.08 0.21
CA LEU A 287 -13.46 -29.30 -0.25
C LEU A 287 -13.38 -30.29 -1.42
N ALA A 288 -12.44 -30.04 -2.34
CA ALA A 288 -12.31 -30.88 -3.51
C ALA A 288 -11.95 -32.32 -3.11
N THR A 289 -11.09 -32.46 -2.14
CA THR A 289 -10.68 -33.77 -1.64
C THR A 289 -11.85 -34.54 -1.09
N ALA A 290 -12.66 -33.87 -0.27
CA ALA A 290 -13.90 -34.47 0.26
C ALA A 290 -14.92 -34.88 -0.82
N LEU A 291 -15.13 -34.00 -1.81
CA LEU A 291 -16.02 -34.30 -2.92
C LEU A 291 -15.51 -35.51 -3.70
N GLU A 292 -14.19 -35.57 -3.94
CA GLU A 292 -13.59 -36.68 -4.73
C GLU A 292 -13.65 -38.00 -3.98
N ARG A 293 -13.28 -37.97 -2.69
CA ARG A 293 -13.19 -39.19 -1.93
C ARG A 293 -14.57 -39.76 -1.56
N THR A 294 -15.57 -38.92 -1.28
CA THR A 294 -16.84 -39.43 -0.75
C THR A 294 -17.77 -39.79 -1.87
N GLY A 295 -17.61 -39.14 -3.00
CA GLY A 295 -18.61 -39.10 -4.02
C GLY A 295 -19.96 -38.53 -3.61
N SER A 296 -20.02 -37.88 -2.42
CA SER A 296 -21.25 -37.32 -1.86
C SER A 296 -21.37 -35.83 -2.18
N ASP A 297 -22.60 -35.32 -2.21
CA ASP A 297 -22.86 -33.90 -2.30
C ASP A 297 -23.39 -33.33 -0.98
N GLU A 298 -23.50 -34.18 0.06
CA GLU A 298 -23.95 -33.77 1.39
C GLU A 298 -22.86 -33.03 2.21
N PRO A 299 -23.09 -31.75 2.52
CA PRO A 299 -22.14 -31.00 3.39
C PRO A 299 -21.66 -31.73 4.60
N LEU A 300 -22.55 -32.34 5.37
CA LEU A 300 -22.13 -33.09 6.51
C LEU A 300 -21.33 -34.34 6.22
N ALA A 301 -21.58 -35.00 5.09
CA ALA A 301 -20.76 -36.12 4.72
C ALA A 301 -19.32 -35.63 4.36
N LEU A 302 -19.25 -34.44 3.76
CA LEU A 302 -17.94 -33.87 3.39
C LEU A 302 -17.15 -33.46 4.61
N VAL A 303 -17.81 -32.81 5.58
CA VAL A 303 -17.19 -32.46 6.85
C VAL A 303 -16.76 -33.69 7.64
N LYS A 304 -17.62 -34.73 7.68
CA LYS A 304 -17.25 -35.97 8.41
C LYS A 304 -16.00 -36.57 7.76
N ASP A 305 -15.98 -36.57 6.44
CA ASP A 305 -14.85 -37.07 5.69
C ASP A 305 -13.53 -36.33 5.98
N LEU A 306 -13.58 -35.00 6.10
CA LEU A 306 -12.35 -34.26 6.41
C LEU A 306 -11.90 -34.45 7.82
N LYS A 307 -12.86 -34.49 8.75
CA LYS A 307 -12.51 -34.69 10.14
C LYS A 307 -11.94 -36.12 10.40
N ALA A 308 -12.38 -37.09 9.62
CA ALA A 308 -11.92 -38.50 9.73
C ALA A 308 -10.57 -38.70 9.04
N ASN A 309 -10.43 -38.15 7.82
CA ASN A 309 -9.37 -38.54 6.89
C ASN A 309 -8.40 -37.47 6.44
N GLY A 310 -8.74 -36.22 6.70
CA GLY A 310 -7.83 -35.11 6.42
C GLY A 310 -7.74 -34.76 4.95
N ALA A 311 -6.79 -33.88 4.64
CA ALA A 311 -6.50 -33.49 3.26
C ALA A 311 -5.07 -33.12 3.14
N ASN A 312 -4.53 -33.36 1.97
CA ASN A 312 -3.17 -32.94 1.61
C ASN A 312 -3.22 -31.66 0.79
N THR A 313 -2.64 -30.64 1.34
CA THR A 313 -2.80 -29.29 0.79
C THR A 313 -1.50 -28.54 0.69
N VAL A 314 -1.58 -27.35 0.11
CA VAL A 314 -0.43 -26.48 -0.06
C VAL A 314 0.08 -25.86 1.25
N ILE A 315 -0.70 -26.01 2.32
CA ILE A 315 -0.25 -25.64 3.66
C ILE A 315 0.13 -26.86 4.51
N GLY A 316 0.14 -28.01 3.88
CA GLY A 316 0.65 -29.26 4.42
C GLY A 316 -0.47 -30.23 4.61
N PRO A 317 -0.15 -31.41 5.14
CA PRO A 317 -1.17 -32.43 5.51
C PRO A 317 -2.07 -31.96 6.63
N LEU A 318 -3.37 -31.87 6.37
CA LEU A 318 -4.26 -31.26 7.31
C LEU A 318 -5.02 -32.34 8.07
N ASN A 319 -5.16 -32.06 9.36
CA ASN A 319 -5.99 -32.86 10.28
C ASN A 319 -6.82 -31.93 11.13
N TRP A 320 -8.13 -32.13 11.14
CA TRP A 320 -9.06 -31.30 11.88
C TRP A 320 -9.58 -32.03 13.10
N ASP A 321 -9.84 -31.30 14.16
CA ASP A 321 -10.54 -31.83 15.30
C ASP A 321 -12.04 -31.82 15.09
N GLU A 322 -12.75 -32.34 16.08
CA GLU A 322 -14.17 -32.56 15.98
C GLU A 322 -14.94 -31.27 15.96
N LYS A 323 -14.30 -30.19 16.41
CA LYS A 323 -14.90 -28.83 16.33
C LYS A 323 -14.69 -28.10 14.97
N GLY A 324 -13.90 -28.69 14.04
CA GLY A 324 -13.61 -28.05 12.78
C GLY A 324 -12.35 -27.21 12.70
N ASP A 325 -11.48 -27.28 13.71
CA ASP A 325 -10.20 -26.58 13.73
C ASP A 325 -9.03 -27.46 13.34
N LEU A 326 -8.00 -26.83 12.81
CA LEU A 326 -6.83 -27.56 12.36
C LEU A 326 -5.94 -27.85 13.55
N LYS A 327 -5.47 -29.09 13.71
CA LYS A 327 -4.53 -29.37 14.81
C LYS A 327 -3.15 -28.92 14.32
N GLY A 328 -2.34 -28.33 15.17
CA GLY A 328 -0.97 -28.00 14.83
C GLY A 328 -0.72 -26.78 13.98
N PHE A 329 -1.65 -25.85 13.89
CA PHE A 329 -1.45 -24.61 13.14
C PHE A 329 -0.77 -23.60 14.10
N ASP A 330 0.47 -23.26 13.80
CA ASP A 330 1.20 -22.34 14.64
C ASP A 330 1.51 -21.08 13.94
N PHE A 331 1.72 -20.02 14.72
CA PHE A 331 2.11 -18.70 14.23
C PHE A 331 3.57 -18.42 14.66
N GLY A 332 4.42 -17.87 13.81
CA GLY A 332 5.76 -17.44 14.16
C GLY A 332 5.80 -15.94 14.34
N VAL A 333 6.87 -15.44 14.96
CA VAL A 333 7.05 -14.03 15.15
C VAL A 333 8.06 -13.55 14.06
N PHE A 334 7.72 -12.41 13.47
CA PHE A 334 8.52 -11.78 12.42
C PHE A 334 8.74 -10.31 12.70
N GLN A 335 9.83 -9.78 12.17
CA GLN A 335 10.21 -8.38 12.28
C GLN A 335 10.03 -7.75 10.92
N TRP A 336 9.24 -6.66 10.83
CA TRP A 336 8.95 -6.03 9.57
C TRP A 336 10.05 -5.01 9.19
N HIS A 337 10.01 -4.60 7.93
CA HIS A 337 10.99 -3.67 7.33
C HIS A 337 10.29 -2.65 6.47
N ALA A 338 10.92 -1.48 6.24
CA ALA A 338 10.31 -0.40 5.42
C ALA A 338 10.01 -0.79 3.99
N ASP A 339 10.74 -1.76 3.49
CA ASP A 339 10.51 -2.21 2.15
C ASP A 339 9.47 -3.33 2.02
N GLY A 340 8.81 -3.69 3.12
CA GLY A 340 7.77 -4.68 3.07
C GLY A 340 8.23 -6.11 3.27
N SER A 341 9.52 -6.33 3.34
CA SER A 341 10.05 -7.63 3.66
C SER A 341 9.88 -7.81 5.18
N SER A 342 10.14 -9.03 5.60
CA SER A 342 10.05 -9.41 7.00
C SER A 342 11.04 -10.55 7.25
N THR A 343 11.62 -10.62 8.46
CA THR A 343 12.60 -11.63 8.85
C THR A 343 12.07 -12.37 10.07
N LYS A 344 12.33 -13.67 10.18
CA LYS A 344 12.01 -14.39 11.43
C LYS A 344 12.68 -13.71 12.61
N ALA A 345 11.94 -13.46 13.68
CA ALA A 345 12.43 -12.61 14.76
C ALA A 345 13.53 -13.35 15.53
N LYS A 346 13.41 -14.58 15.49
N ASP B 1 31.83 25.33 9.48
CA ASP B 1 30.60 25.25 10.26
C ASP B 1 29.58 24.42 9.51
N ASP B 2 28.63 23.88 10.25
CA ASP B 2 27.59 23.04 9.67
C ASP B 2 26.79 23.85 8.63
N ILE B 3 26.35 23.22 7.53
CA ILE B 3 25.46 23.91 6.57
C ILE B 3 24.07 23.29 6.61
N LYS B 4 23.08 24.04 7.03
CA LYS B 4 21.73 23.49 7.15
C LYS B 4 21.00 23.61 5.81
N VAL B 5 20.39 22.48 5.40
CA VAL B 5 19.53 22.37 4.25
C VAL B 5 18.18 21.84 4.69
N ALA B 6 17.14 22.59 4.45
CA ALA B 6 15.77 22.21 4.80
C ALA B 6 15.32 21.23 3.69
N VAL B 7 14.70 20.14 4.11
CA VAL B 7 14.09 19.14 3.21
C VAL B 7 12.61 19.08 3.57
N VAL B 8 11.74 19.37 2.60
CA VAL B 8 10.35 19.57 2.87
C VAL B 8 9.43 18.78 1.95
N GLY B 9 8.49 18.05 2.56
CA GLY B 9 7.50 17.30 1.79
C GLY B 9 6.54 16.61 2.76
N ALA B 10 5.71 15.72 2.25
CA ALA B 10 4.70 15.02 3.08
C ALA B 10 5.35 13.96 3.95
N MET B 11 5.22 14.12 5.27
CA MET B 11 5.56 13.03 6.21
C MET B 11 4.27 12.58 6.90
N SER B 12 3.13 13.09 6.40
CA SER B 12 1.81 12.74 6.95
C SER B 12 0.82 13.00 5.79
N GLY B 13 -0.43 12.66 6.04
CA GLY B 13 -1.49 12.87 5.06
C GLY B 13 -1.48 11.78 4.03
N PRO B 14 -2.40 11.84 3.06
CA PRO B 14 -2.62 10.68 2.14
C PRO B 14 -1.50 10.34 1.10
N ILE B 15 -0.60 11.28 0.89
CA ILE B 15 0.51 11.29 -0.08
C ILE B 15 1.83 11.05 0.61
N ALA B 16 1.83 10.68 1.89
CA ALA B 16 3.08 10.56 2.60
C ALA B 16 4.06 9.55 1.94
N GLN B 17 3.55 8.56 1.19
CA GLN B 17 4.36 7.54 0.57
C GLN B 17 5.29 8.17 -0.46
N TRP B 18 4.85 9.24 -1.12
CA TRP B 18 5.74 9.92 -2.05
C TRP B 18 6.83 10.63 -1.28
N GLY B 19 6.48 11.18 -0.12
CA GLY B 19 7.46 11.82 0.71
C GLY B 19 8.48 10.86 1.24
N ASP B 20 8.11 9.60 1.48
CA ASP B 20 9.05 8.65 2.04
C ASP B 20 10.22 8.47 1.06
N MET B 21 9.92 8.44 -0.25
CA MET B 21 10.97 8.39 -1.28
C MET B 21 11.84 9.61 -1.26
N GLU B 22 11.23 10.79 -1.12
CA GLU B 22 11.96 12.02 -1.07
C GLU B 22 12.95 12.05 0.10
N PHE B 23 12.48 11.77 1.30
CA PHE B 23 13.34 11.84 2.48
C PHE B 23 14.37 10.76 2.45
N ASN B 24 14.04 9.58 1.92
CA ASN B 24 15.06 8.52 1.84
C ASN B 24 16.17 8.90 0.88
N GLY B 25 15.83 9.50 -0.27
CA GLY B 25 16.89 9.97 -1.17
C GLY B 25 17.73 11.12 -0.61
N ALA B 26 17.08 12.11 0.02
CA ALA B 26 17.75 13.23 0.62
C ALA B 26 18.71 12.79 1.74
N ARG B 27 18.28 11.84 2.55
CA ARG B 27 19.06 11.42 3.72
C ARG B 27 20.29 10.71 3.22
N GLN B 28 20.14 9.86 2.20
CA GLN B 28 21.26 9.07 1.68
C GLN B 28 22.23 10.00 0.94
N ALA B 29 21.73 11.00 0.19
CA ALA B 29 22.61 11.98 -0.47
C ALA B 29 23.42 12.75 0.56
N ILE B 30 22.80 13.26 1.61
CA ILE B 30 23.50 14.00 2.67
C ILE B 30 24.55 13.12 3.36
N LYS B 31 24.19 11.88 3.67
CA LYS B 31 25.13 10.94 4.25
C LYS B 31 26.34 10.75 3.35
N ASP B 32 26.08 10.54 2.07
CA ASP B 32 27.10 10.18 1.09
C ASP B 32 28.09 11.29 0.84
N ILE B 33 27.54 12.52 0.84
CA ILE B 33 28.32 13.71 0.59
C ILE B 33 29.20 13.96 1.82
N ASN B 34 28.63 13.77 3.00
CA ASN B 34 29.34 13.99 4.25
C ASN B 34 30.48 12.99 4.43
N ALA B 35 30.27 11.76 4.00
CA ALA B 35 31.29 10.72 4.15
C ALA B 35 32.43 10.92 3.13
N LYS B 36 32.18 11.67 2.04
CA LYS B 36 33.24 12.03 1.09
C LYS B 36 33.89 13.37 1.34
N GLY B 37 33.67 13.96 2.52
CA GLY B 37 34.34 15.23 2.83
C GLY B 37 33.42 16.41 3.14
N GLY B 38 32.13 16.27 2.81
CA GLY B 38 31.18 17.35 3.02
C GLY B 38 31.40 18.42 1.98
N ILE B 39 31.11 19.67 2.32
CA ILE B 39 31.36 20.79 1.41
C ILE B 39 32.64 21.52 1.82
N LYS B 40 33.74 21.18 1.16
CA LYS B 40 35.06 21.60 1.59
C LYS B 40 35.24 21.41 3.11
N GLY B 41 34.89 20.24 3.64
CA GLY B 41 34.98 19.95 5.06
C GLY B 41 33.77 20.27 5.90
N ASP B 42 32.90 21.17 5.46
CA ASP B 42 31.71 21.50 6.23
C ASP B 42 30.64 20.44 5.99
N LYS B 43 29.93 20.05 7.04
CA LYS B 43 29.01 18.96 7.02
C LYS B 43 27.60 19.51 6.70
N LEU B 44 26.95 18.86 5.74
CA LEU B 44 25.56 19.18 5.42
C LEU B 44 24.72 18.55 6.48
N VAL B 45 23.76 19.32 6.96
CA VAL B 45 22.78 18.86 7.96
C VAL B 45 21.35 19.02 7.41
N GLY B 46 20.65 17.92 7.25
CA GLY B 46 19.30 17.97 6.75
C GLY B 46 18.34 18.36 7.85
N VAL B 47 17.55 19.39 7.65
CA VAL B 47 16.55 19.75 8.65
C VAL B 47 15.17 19.47 8.02
N GLU B 48 14.36 18.57 8.57
CA GLU B 48 13.21 18.01 7.84
C GLU B 48 11.94 18.67 8.31
N TYR B 49 11.09 19.04 7.38
CA TYR B 49 9.85 19.70 7.70
C TYR B 49 8.74 18.96 6.97
N ASP B 50 7.66 18.70 7.68
CA ASP B 50 6.44 18.16 7.09
C ASP B 50 5.46 19.21 6.69
N ASP B 51 5.14 19.29 5.39
CA ASP B 51 4.02 20.12 4.96
C ASP B 51 2.71 19.42 4.60
N ALA B 52 2.65 18.10 4.82
CA ALA B 52 1.54 17.23 4.46
C ALA B 52 1.07 17.45 3.08
N CYS B 53 1.94 17.93 2.22
CA CYS B 53 1.52 18.32 0.86
C CYS B 53 0.22 19.12 0.87
N ASP B 54 0.15 20.07 1.79
CA ASP B 54 -1.01 20.92 1.97
C ASP B 54 -0.63 22.39 1.88
N PRO B 55 -1.29 23.14 0.99
CA PRO B 55 -0.82 24.50 0.71
C PRO B 55 -0.69 25.39 1.99
N LYS B 56 -1.67 25.29 2.91
CA LYS B 56 -1.61 26.16 4.10
C LYS B 56 -0.42 25.75 4.97
N GLN B 57 -0.21 24.44 5.17
CA GLN B 57 0.89 23.96 5.99
C GLN B 57 2.21 24.28 5.31
N ALA B 58 2.20 24.24 3.99
CA ALA B 58 3.40 24.59 3.22
C ALA B 58 3.84 26.01 3.49
N VAL B 59 2.89 26.89 3.50
CA VAL B 59 3.17 28.27 3.78
C VAL B 59 3.71 28.45 5.18
N ALA B 60 3.11 27.75 6.15
CA ALA B 60 3.63 27.72 7.53
C ALA B 60 5.10 27.27 7.63
N VAL B 61 5.42 26.21 6.88
CA VAL B 61 6.75 25.67 6.89
C VAL B 61 7.70 26.67 6.26
N ALA B 62 7.29 27.30 5.15
CA ALA B 62 8.16 28.26 4.49
C ALA B 62 8.52 29.42 5.45
N ASN B 63 7.51 29.90 6.20
CA ASN B 63 7.75 31.01 7.15
C ASN B 63 8.68 30.57 8.28
N LYS B 64 8.54 29.33 8.72
CA LYS B 64 9.41 28.76 9.73
C LYS B 64 10.82 28.68 9.22
N ILE B 65 11.03 28.22 7.98
CA ILE B 65 12.38 28.09 7.47
C ILE B 65 13.03 29.45 7.44
N VAL B 66 12.22 30.48 7.15
CA VAL B 66 12.72 31.89 7.11
C VAL B 66 13.16 32.26 8.53
N ASN B 67 12.27 32.07 9.48
CA ASN B 67 12.56 32.31 10.89
C ASN B 67 13.78 31.58 11.39
N ASP B 68 13.97 30.31 10.98
CA ASP B 68 15.09 29.48 11.39
C ASP B 68 16.40 29.87 10.72
N GLY B 69 16.42 30.81 9.78
CA GLY B 69 17.64 31.30 9.13
C GLY B 69 18.27 30.33 8.14
N ILE B 70 17.50 29.35 7.68
CA ILE B 70 18.03 28.38 6.71
C ILE B 70 17.91 29.02 5.34
N LYS B 71 18.92 28.84 4.50
CA LYS B 71 18.98 29.57 3.22
C LYS B 71 18.80 28.70 1.98
N TYR B 72 18.71 27.37 2.16
CA TYR B 72 18.65 26.38 1.07
C TYR B 72 17.54 25.43 1.38
N VAL B 73 16.67 25.22 0.40
CA VAL B 73 15.51 24.33 0.59
C VAL B 73 15.44 23.33 -0.57
N ILE B 74 15.39 22.05 -0.23
CA ILE B 74 15.10 20.91 -1.12
C ILE B 74 13.65 20.59 -0.84
N GLY B 75 12.79 21.10 -1.71
CA GLY B 75 11.33 20.94 -1.53
C GLY B 75 10.59 21.92 -2.40
N HIS B 76 9.27 21.99 -2.30
CA HIS B 76 8.47 21.05 -1.57
C HIS B 76 8.23 19.88 -2.54
N LEU B 77 7.24 19.05 -2.24
CA LEU B 77 7.04 17.81 -2.99
C LEU B 77 6.00 17.97 -4.06
N CYS B 78 4.84 18.48 -3.66
CA CYS B 78 3.65 18.64 -4.55
C CYS B 78 3.59 20.07 -5.12
N SER B 79 2.98 20.22 -6.27
CA SER B 79 2.95 21.54 -6.95
C SER B 79 2.18 22.54 -6.09
N SER B 80 1.07 22.13 -5.47
CA SER B 80 0.19 23.16 -4.84
C SER B 80 0.74 23.62 -3.51
N SER B 81 1.62 22.81 -2.92
CA SER B 81 2.37 23.24 -1.77
C SER B 81 3.68 24.02 -2.16
N THR B 82 4.33 23.60 -3.24
CA THR B 82 5.61 24.19 -3.62
C THR B 82 5.40 25.62 -4.08
N GLN B 83 4.32 25.83 -4.85
CA GLN B 83 4.17 27.16 -5.44
C GLN B 83 3.96 28.31 -4.41
N PRO B 84 3.04 28.20 -3.49
CA PRO B 84 2.89 29.28 -2.50
C PRO B 84 4.11 29.43 -1.63
N ALA B 85 4.80 28.33 -1.35
CA ALA B 85 5.99 28.39 -0.55
C ALA B 85 7.06 29.20 -1.33
N SER B 86 7.15 28.95 -2.62
CA SER B 86 8.15 29.62 -3.45
C SER B 86 8.05 31.17 -3.38
N ASP B 87 6.86 31.68 -3.16
CA ASP B 87 6.61 33.13 -3.10
C ASP B 87 7.37 33.70 -1.93
N ILE B 88 7.32 32.96 -0.85
CA ILE B 88 8.10 33.29 0.35
C ILE B 88 9.60 33.16 0.16
N TYR B 89 10.07 32.02 -0.37
CA TYR B 89 11.46 31.86 -0.57
C TYR B 89 12.00 32.93 -1.51
N GLU B 90 11.26 33.27 -2.52
CA GLU B 90 11.70 34.26 -3.48
C GLU B 90 11.83 35.65 -2.85
N ASP B 91 10.80 36.05 -2.14
CA ASP B 91 10.83 37.34 -1.39
C ASP B 91 11.99 37.42 -0.39
N GLU B 92 12.34 36.29 0.25
CA GLU B 92 13.33 36.26 1.32
C GLU B 92 14.75 35.92 0.82
N GLY B 93 14.88 35.60 -0.46
CA GLY B 93 16.19 35.33 -1.04
C GLY B 93 16.75 33.95 -0.64
N ILE B 94 15.88 32.96 -0.61
CA ILE B 94 16.18 31.60 -0.19
C ILE B 94 16.18 30.71 -1.42
N LEU B 95 17.21 29.89 -1.58
CA LEU B 95 17.26 28.97 -2.71
C LEU B 95 16.27 27.86 -2.48
N MET B 96 15.53 27.46 -3.51
CA MET B 96 14.54 26.35 -3.43
C MET B 96 14.63 25.50 -4.70
N ILE B 97 15.02 24.26 -4.52
CA ILE B 97 14.98 23.25 -5.61
C ILE B 97 13.97 22.22 -5.26
N SER B 98 12.89 22.12 -6.05
CA SER B 98 11.95 21.08 -5.80
C SER B 98 12.31 19.82 -6.50
N PRO B 99 12.31 18.74 -5.75
CA PRO B 99 12.47 17.42 -6.37
C PRO B 99 11.18 16.75 -6.81
N GLY B 100 10.07 17.46 -6.67
CA GLY B 100 8.76 16.81 -6.83
C GLY B 100 7.74 17.53 -7.71
N ALA B 101 7.80 18.85 -7.69
CA ALA B 101 6.72 19.63 -8.27
C ALA B 101 6.89 19.62 -9.81
N THR B 102 5.83 19.26 -10.57
CA THR B 102 5.91 19.19 -12.03
C THR B 102 5.07 20.26 -12.78
N ASN B 103 4.21 20.93 -12.08
CA ASN B 103 3.35 21.89 -12.71
C ASN B 103 4.24 23.03 -13.23
N PRO B 104 4.00 23.48 -14.46
CA PRO B 104 4.85 24.50 -15.07
C PRO B 104 4.89 25.87 -14.44
N GLU B 105 3.85 26.27 -13.75
CA GLU B 105 3.69 27.70 -13.41
C GLU B 105 4.77 28.15 -12.42
N LEU B 106 5.28 27.24 -11.61
CA LEU B 106 6.30 27.54 -10.57
C LEU B 106 7.40 28.40 -11.15
N THR B 107 7.85 28.00 -12.32
CA THR B 107 8.99 28.63 -12.96
C THR B 107 8.69 29.57 -14.10
N GLN B 108 7.44 29.94 -14.28
CA GLN B 108 7.02 30.81 -15.35
C GLN B 108 6.69 32.21 -14.89
N ARG B 109 7.19 32.59 -13.72
CA ARG B 109 6.88 33.88 -13.11
C ARG B 109 8.02 34.85 -12.92
N GLY B 110 9.18 34.52 -13.51
CA GLY B 110 10.36 35.39 -13.45
C GLY B 110 11.17 35.18 -12.18
N TYR B 111 10.83 34.17 -11.33
CA TYR B 111 11.50 34.05 -10.02
C TYR B 111 12.96 33.61 -10.21
N GLN B 112 13.90 34.22 -9.47
CA GLN B 112 15.35 33.98 -9.66
C GLN B 112 16.00 32.97 -8.70
N HIS B 113 15.26 32.55 -7.69
CA HIS B 113 15.81 31.67 -6.68
C HIS B 113 15.24 30.26 -6.68
N ILE B 114 14.46 29.91 -7.70
CA ILE B 114 13.60 28.71 -7.77
C ILE B 114 14.04 27.81 -8.95
N MET B 115 14.19 26.53 -8.65
CA MET B 115 14.60 25.52 -9.61
C MET B 115 13.86 24.18 -9.32
N ARG B 116 13.99 23.22 -10.25
CA ARG B 116 13.36 21.91 -10.09
C ARG B 116 14.34 20.88 -10.55
N THR B 117 14.35 19.69 -9.91
CA THR B 117 14.94 18.53 -10.55
C THR B 117 13.85 17.56 -11.04
N ALA B 118 12.58 17.81 -10.71
CA ALA B 118 11.52 17.08 -11.34
C ALA B 118 11.37 17.56 -12.77
N GLY B 119 10.58 16.84 -13.54
CA GLY B 119 10.23 17.23 -14.90
C GLY B 119 9.02 18.13 -14.93
N LEU B 120 8.41 18.23 -16.12
CA LEU B 120 7.40 19.21 -16.38
C LEU B 120 6.16 18.56 -16.95
N ASP B 121 5.00 18.99 -16.45
CA ASP B 121 3.73 18.52 -16.97
C ASP B 121 3.40 19.03 -18.35
N SER B 122 4.09 20.07 -18.79
CA SER B 122 4.12 20.52 -20.18
C SER B 122 4.84 19.51 -21.11
N SER B 123 5.52 18.52 -20.53
CA SER B 123 6.06 17.39 -21.25
C SER B 123 5.25 16.10 -20.94
N GLN B 124 4.86 15.92 -19.67
CA GLN B 124 4.18 14.69 -19.27
C GLN B 124 2.78 14.59 -19.91
N GLY B 125 2.10 15.73 -19.99
CA GLY B 125 0.77 15.71 -20.59
C GLY B 125 0.71 15.35 -22.08
N PRO B 126 1.48 16.08 -22.92
CA PRO B 126 1.66 15.75 -24.32
C PRO B 126 2.15 14.32 -24.52
N THR B 127 3.03 13.86 -23.67
CA THR B 127 3.47 12.45 -23.73
C THR B 127 2.26 11.47 -23.59
N ALA B 128 1.38 11.68 -22.65
CA ALA B 128 0.19 10.83 -22.48
C ALA B 128 -0.74 10.98 -23.68
N ALA B 129 -0.96 12.23 -24.15
CA ALA B 129 -1.82 12.47 -25.29
C ALA B 129 -1.38 11.74 -26.58
N LYS B 130 -0.09 11.72 -26.80
CA LYS B 130 0.49 11.11 -27.96
C LYS B 130 0.26 9.60 -27.94
N TYR B 131 0.50 9.00 -26.79
CA TYR B 131 0.29 7.58 -26.63
C TYR B 131 -1.15 7.21 -26.74
N ILE B 132 -2.03 8.00 -26.14
CA ILE B 132 -3.47 7.76 -26.31
C ILE B 132 -3.92 7.76 -27.75
N LEU B 133 -3.51 8.81 -28.49
CA LEU B 133 -3.90 8.97 -29.87
C LEU B 133 -3.29 7.92 -30.81
N GLU B 134 -2.06 7.55 -30.57
CA GLU B 134 -1.28 6.78 -31.52
C GLU B 134 -1.28 5.33 -31.21
N THR B 135 -1.44 4.93 -29.92
CA THR B 135 -1.43 3.52 -29.53
C THR B 135 -2.76 3.04 -28.98
N VAL B 136 -3.40 3.79 -28.07
CA VAL B 136 -4.60 3.28 -27.44
C VAL B 136 -5.77 3.33 -28.43
N LYS B 137 -5.90 4.47 -29.12
CA LYS B 137 -6.97 4.76 -30.08
C LYS B 137 -8.37 4.52 -29.57
N PRO B 138 -8.68 5.22 -28.48
CA PRO B 138 -9.99 5.10 -27.86
C PRO B 138 -11.08 5.79 -28.68
N GLN B 139 -12.33 5.43 -28.46
CA GLN B 139 -13.42 6.04 -29.15
C GLN B 139 -14.08 7.14 -28.34
N ARG B 140 -14.38 6.85 -27.08
CA ARG B 140 -15.07 7.80 -26.23
C ARG B 140 -14.29 7.98 -24.93
N ILE B 141 -13.85 9.23 -24.74
CA ILE B 141 -12.91 9.61 -23.66
C ILE B 141 -13.55 10.46 -22.59
N ALA B 142 -13.25 10.18 -21.32
CA ALA B 142 -13.56 11.12 -20.26
C ALA B 142 -12.28 11.49 -19.50
N ILE B 143 -12.21 12.72 -19.06
CA ILE B 143 -11.04 13.22 -18.37
C ILE B 143 -11.49 13.72 -17.00
N ILE B 144 -10.78 13.24 -15.96
CA ILE B 144 -11.16 13.43 -14.58
C ILE B 144 -9.95 13.96 -13.87
N HIS B 145 -10.15 14.79 -12.85
CA HIS B 145 -9.03 15.33 -12.07
C HIS B 145 -9.51 15.53 -10.66
N ASP B 146 -8.59 15.80 -9.74
CA ASP B 146 -8.97 15.88 -8.32
C ASP B 146 -9.10 17.29 -7.82
N LYS B 147 -9.20 18.20 -8.77
CA LYS B 147 -9.36 19.63 -8.48
C LYS B 147 -8.13 20.32 -7.96
N GLN B 148 -7.01 19.63 -7.85
CA GLN B 148 -5.82 20.20 -7.27
C GLN B 148 -4.89 20.64 -8.41
N GLN B 149 -3.97 21.53 -8.13
CA GLN B 149 -3.18 22.19 -9.16
C GLN B 149 -2.49 21.18 -10.11
N TYR B 150 -1.90 20.15 -9.53
CA TYR B 150 -1.14 19.16 -10.30
C TYR B 150 -2.10 18.39 -11.26
N GLY B 151 -3.11 17.74 -10.69
CA GLY B 151 -3.95 16.84 -11.49
C GLY B 151 -4.78 17.59 -12.48
N GLU B 152 -5.28 18.78 -12.08
CA GLU B 152 -6.20 19.52 -12.91
C GLU B 152 -5.39 20.06 -14.11
N GLY B 153 -4.14 20.45 -13.85
CA GLY B 153 -3.24 20.94 -14.90
C GLY B 153 -2.94 19.88 -15.94
N LEU B 154 -2.57 18.70 -15.49
CA LEU B 154 -2.38 17.58 -16.40
C LEU B 154 -3.66 17.19 -17.14
N ALA B 155 -4.81 17.18 -16.49
CA ALA B 155 -6.06 16.94 -17.15
C ALA B 155 -6.29 17.92 -18.29
N ARG B 156 -6.04 19.18 -18.02
CA ARG B 156 -6.21 20.23 -19.01
C ARG B 156 -5.24 20.03 -20.20
N SER B 157 -4.03 19.67 -19.87
CA SER B 157 -3.00 19.41 -20.86
C SER B 157 -3.44 18.27 -21.77
N VAL B 158 -3.86 17.16 -21.19
CA VAL B 158 -4.25 16.01 -21.95
C VAL B 158 -5.46 16.33 -22.77
N GLN B 159 -6.39 17.05 -22.21
CA GLN B 159 -7.62 17.42 -22.93
C GLN B 159 -7.22 18.21 -24.21
N ASP B 160 -6.35 19.19 -24.01
CA ASP B 160 -5.83 20.08 -25.09
C ASP B 160 -5.14 19.18 -26.12
N GLY B 161 -4.34 18.21 -25.70
CA GLY B 161 -3.62 17.39 -26.68
C GLY B 161 -4.55 16.49 -27.51
N LEU B 162 -5.53 15.87 -26.84
CA LEU B 162 -6.52 15.03 -27.51
C LEU B 162 -7.47 15.88 -28.43
N LYS B 163 -7.84 17.10 -28.00
CA LYS B 163 -8.76 17.88 -28.77
C LYS B 163 -8.00 18.48 -29.99
N ALA B 164 -6.68 18.62 -29.86
CA ALA B 164 -5.88 19.03 -31.05
C ALA B 164 -6.03 18.08 -32.21
N ALA B 165 -6.23 16.82 -31.92
CA ALA B 165 -6.52 15.80 -32.93
C ALA B 165 -8.02 15.47 -33.03
N ASN B 166 -8.89 16.35 -32.60
CA ASN B 166 -10.35 16.20 -32.70
C ASN B 166 -10.88 14.88 -32.11
N ALA B 167 -10.25 14.40 -31.06
CA ALA B 167 -10.74 13.19 -30.38
C ALA B 167 -11.98 13.51 -29.61
N ASN B 168 -12.81 12.50 -29.34
CA ASN B 168 -14.12 12.72 -28.73
C ASN B 168 -13.99 12.65 -27.23
N VAL B 169 -13.61 13.79 -26.66
CA VAL B 169 -13.64 13.91 -25.25
C VAL B 169 -15.07 14.20 -24.88
N VAL B 170 -15.75 13.17 -24.39
CA VAL B 170 -17.18 13.29 -24.03
C VAL B 170 -17.42 14.23 -22.82
N PHE B 171 -16.64 14.07 -21.76
CA PHE B 171 -16.76 14.95 -20.59
C PHE B 171 -15.46 15.12 -19.84
N PHE B 172 -15.41 16.21 -19.07
CA PHE B 172 -14.24 16.62 -18.34
C PHE B 172 -14.83 17.04 -16.99
N ASP B 173 -14.29 16.50 -15.92
CA ASP B 173 -14.87 16.72 -14.56
C ASP B 173 -13.92 16.46 -13.42
N GLY B 174 -14.25 16.99 -12.25
CA GLY B 174 -13.48 16.96 -11.06
C GLY B 174 -14.16 16.12 -10.01
N ILE B 175 -13.36 15.45 -9.21
CA ILE B 175 -13.85 14.71 -8.04
C ILE B 175 -13.07 15.25 -6.90
N THR B 176 -13.54 14.95 -5.70
CA THR B 176 -12.92 15.50 -4.49
C THR B 176 -11.86 14.59 -3.92
N ALA B 177 -10.62 15.02 -3.72
CA ALA B 177 -9.63 14.15 -3.06
C ALA B 177 -10.17 13.65 -1.73
N GLY B 178 -9.88 12.40 -1.42
CA GLY B 178 -10.42 11.78 -0.22
C GLY B 178 -11.69 10.95 -0.53
N GLU B 179 -12.26 11.10 -1.73
CA GLU B 179 -13.52 10.39 -2.07
C GLU B 179 -13.31 8.92 -1.99
N LYS B 180 -14.19 8.22 -1.29
CA LYS B 180 -14.08 6.76 -1.23
C LYS B 180 -15.18 6.14 -2.09
N ASP B 181 -16.11 6.95 -2.59
CA ASP B 181 -17.30 6.45 -3.27
C ASP B 181 -17.42 7.06 -4.67
N PHE B 182 -17.10 6.26 -5.68
CA PHE B 182 -17.10 6.70 -7.04
C PHE B 182 -18.27 6.10 -7.81
N SER B 183 -19.28 5.64 -7.10
CA SER B 183 -20.43 5.08 -7.80
C SER B 183 -21.08 5.98 -8.85
N ALA B 184 -21.19 7.29 -8.60
CA ALA B 184 -21.83 8.19 -9.56
C ALA B 184 -20.97 8.33 -10.83
N LEU B 185 -19.69 8.47 -10.63
CA LEU B 185 -18.75 8.52 -11.75
C LEU B 185 -18.81 7.25 -12.54
N ILE B 186 -18.72 6.10 -11.86
CA ILE B 186 -18.77 4.86 -12.56
C ILE B 186 -20.08 4.67 -13.39
N ALA B 187 -21.24 5.03 -12.82
CA ALA B 187 -22.51 4.95 -13.55
C ALA B 187 -22.48 5.85 -14.79
N ARG B 188 -21.89 7.03 -14.64
CA ARG B 188 -21.75 7.96 -15.77
C ARG B 188 -20.89 7.40 -16.86
N LEU B 189 -19.78 6.76 -16.47
CA LEU B 189 -18.87 6.13 -17.43
C LEU B 189 -19.59 5.03 -18.23
N LYS B 190 -20.48 4.30 -17.56
CA LYS B 190 -21.26 3.22 -18.20
C LYS B 190 -22.29 3.83 -19.11
N LYS B 191 -22.96 4.88 -18.64
CA LYS B 191 -24.11 5.43 -19.34
C LYS B 191 -23.62 6.10 -20.62
N GLU B 192 -22.47 6.76 -20.53
CA GLU B 192 -21.87 7.41 -21.69
C GLU B 192 -20.96 6.52 -22.51
N ASN B 193 -20.88 5.23 -22.18
CA ASN B 193 -20.09 4.26 -22.93
C ASN B 193 -18.61 4.71 -23.12
N ILE B 194 -17.99 5.12 -22.02
CA ILE B 194 -16.62 5.62 -22.06
C ILE B 194 -15.67 4.47 -22.05
N ASP B 195 -14.84 4.37 -23.08
CA ASP B 195 -13.86 3.28 -23.16
C ASP B 195 -12.49 3.67 -22.66
N PHE B 196 -12.25 4.96 -22.49
CA PHE B 196 -10.93 5.48 -21.98
C PHE B 196 -11.13 6.63 -20.99
N VAL B 197 -10.38 6.58 -19.88
CA VAL B 197 -10.37 7.67 -18.90
C VAL B 197 -8.96 8.05 -18.62
N TYR B 198 -8.66 9.34 -18.68
CA TYR B 198 -7.42 9.87 -18.11
C TYR B 198 -7.77 10.54 -16.82
N TYR B 199 -7.01 10.23 -15.78
CA TYR B 199 -7.23 10.78 -14.44
C TYR B 199 -6.00 11.50 -14.03
N GLY B 200 -6.15 12.81 -13.81
CA GLY B 200 -5.08 13.63 -13.26
C GLY B 200 -5.21 13.78 -11.76
N GLY B 201 -4.22 13.27 -11.05
CA GLY B 201 -4.31 13.07 -9.61
C GLY B 201 -3.28 12.10 -9.11
N TYR B 202 -3.53 11.58 -7.90
CA TYR B 202 -2.61 10.76 -7.16
C TYR B 202 -3.25 9.40 -6.85
N TYR B 203 -2.43 8.50 -6.40
CA TYR B 203 -2.82 7.11 -6.29
C TYR B 203 -3.96 6.78 -5.36
N PRO B 204 -4.24 7.54 -4.29
CA PRO B 204 -5.36 7.14 -3.41
C PRO B 204 -6.73 7.09 -4.14
N GLU B 205 -6.99 8.14 -4.90
CA GLU B 205 -8.17 8.23 -5.69
C GLU B 205 -8.13 7.20 -6.86
N MET B 206 -7.03 7.14 -7.60
CA MET B 206 -6.97 6.26 -8.76
C MET B 206 -7.29 4.82 -8.31
N GLY B 207 -6.64 4.40 -7.24
CA GLY B 207 -6.84 3.01 -6.80
C GLY B 207 -8.27 2.66 -6.46
N GLN B 208 -8.95 3.57 -5.77
CA GLN B 208 -10.36 3.37 -5.42
C GLN B 208 -11.23 3.33 -6.69
N MET B 209 -10.96 4.22 -7.64
CA MET B 209 -11.70 4.23 -8.87
C MET B 209 -11.49 2.91 -9.63
N LEU B 210 -10.27 2.46 -9.78
CA LEU B 210 -10.00 1.21 -10.48
C LEU B 210 -10.75 0.03 -9.86
N ARG B 211 -10.62 -0.14 -8.54
CA ARG B 211 -11.30 -1.26 -7.86
C ARG B 211 -12.78 -1.19 -8.10
N GLN B 212 -13.38 0.00 -7.92
CA GLN B 212 -14.84 0.11 -8.01
C GLN B 212 -15.33 -0.06 -9.47
N ALA B 213 -14.52 0.40 -10.42
CA ALA B 213 -14.88 0.20 -11.84
C ALA B 213 -14.94 -1.28 -12.18
N ARG B 214 -13.92 -2.03 -11.78
CA ARG B 214 -13.81 -3.40 -12.19
C ARG B 214 -14.87 -4.23 -11.42
N SER B 215 -15.24 -3.78 -10.22
CA SER B 215 -16.24 -4.51 -9.40
C SER B 215 -17.63 -4.50 -10.05
N VAL B 216 -17.94 -3.52 -10.88
CA VAL B 216 -19.19 -3.54 -11.64
C VAL B 216 -19.03 -3.87 -13.14
N GLY B 217 -17.85 -4.34 -13.54
CA GLY B 217 -17.68 -4.90 -14.88
C GLY B 217 -17.30 -3.87 -15.93
N LEU B 218 -17.02 -2.62 -15.53
CA LEU B 218 -16.49 -1.60 -16.49
C LEU B 218 -15.22 -2.07 -17.08
N LYS B 219 -15.12 -1.98 -18.40
CA LYS B 219 -13.93 -2.41 -19.14
C LYS B 219 -13.02 -1.24 -19.55
N THR B 220 -13.40 -0.05 -19.10
CA THR B 220 -12.72 1.15 -19.44
C THR B 220 -11.19 1.04 -19.22
N GLN B 221 -10.42 1.51 -20.20
CA GLN B 221 -9.01 1.69 -19.99
C GLN B 221 -8.72 3.01 -19.21
N PHE B 222 -7.97 2.91 -18.11
CA PHE B 222 -7.60 4.08 -17.38
C PHE B 222 -6.13 4.40 -17.60
N MET B 223 -5.80 5.69 -17.43
CA MET B 223 -4.44 6.18 -17.46
C MET B 223 -4.26 7.34 -16.50
N GLY B 224 -3.08 7.44 -15.94
CA GLY B 224 -2.76 8.56 -15.06
C GLY B 224 -1.30 8.97 -15.15
N PRO B 225 -0.97 10.08 -14.50
CA PRO B 225 0.40 10.58 -14.49
C PRO B 225 1.19 9.96 -13.36
N GLU B 226 2.43 10.39 -13.20
CA GLU B 226 3.36 9.74 -12.31
C GLU B 226 2.82 9.71 -10.87
N GLY B 227 1.99 10.69 -10.51
CA GLY B 227 1.36 10.73 -9.18
C GLY B 227 0.60 9.49 -8.74
N VAL B 228 0.15 8.68 -9.71
CA VAL B 228 -0.59 7.41 -9.45
C VAL B 228 0.29 6.14 -9.40
N GLY B 229 1.54 6.25 -9.87
CA GLY B 229 2.44 5.10 -10.09
C GLY B 229 3.30 4.68 -8.88
N ASN B 230 2.63 4.31 -7.79
CA ASN B 230 3.23 4.05 -6.44
C ASN B 230 2.96 2.56 -6.15
N ALA B 231 3.74 1.97 -5.26
CA ALA B 231 3.44 0.64 -4.77
C ALA B 231 2.06 0.59 -4.15
N SER B 232 1.58 1.71 -3.62
CA SER B 232 0.27 1.72 -2.97
C SER B 232 -0.89 1.53 -3.94
N LEU B 233 -0.69 1.95 -5.17
CA LEU B 233 -1.74 1.82 -6.19
C LEU B 233 -2.30 0.38 -6.30
N SER B 234 -1.43 -0.61 -6.48
CA SER B 234 -1.88 -2.02 -6.59
C SER B 234 -2.46 -2.54 -5.29
N ASN B 235 -1.94 -2.04 -4.17
CA ASN B 235 -2.49 -2.41 -2.83
C ASN B 235 -3.92 -1.98 -2.75
N ILE B 236 -4.21 -0.73 -3.17
CA ILE B 236 -5.50 -0.15 -2.99
C ILE B 236 -6.48 -0.74 -4.04
N ALA B 237 -6.02 -0.85 -5.29
CA ALA B 237 -6.82 -1.27 -6.42
C ALA B 237 -7.04 -2.78 -6.51
N GLY B 238 -6.05 -3.52 -6.08
CA GLY B 238 -6.04 -4.97 -6.17
C GLY B 238 -5.80 -5.40 -7.61
N ASP B 239 -6.45 -6.47 -8.02
CA ASP B 239 -6.29 -6.98 -9.36
C ASP B 239 -6.71 -5.94 -10.44
N ALA B 240 -7.60 -5.03 -10.08
CA ALA B 240 -8.01 -3.90 -10.94
C ALA B 240 -6.86 -3.02 -11.41
N ALA B 241 -5.69 -3.09 -10.80
CA ALA B 241 -4.58 -2.32 -11.30
C ALA B 241 -4.04 -2.84 -12.59
N GLU B 242 -4.27 -4.11 -12.91
CA GLU B 242 -3.72 -4.71 -14.13
C GLU B 242 -4.15 -3.92 -15.33
N GLY B 243 -3.15 -3.54 -16.13
CA GLY B 243 -3.40 -2.83 -17.37
C GLY B 243 -3.55 -1.34 -17.27
N MET B 244 -3.54 -0.77 -16.05
CA MET B 244 -3.56 0.70 -15.94
C MET B 244 -2.31 1.27 -16.61
N LEU B 245 -2.46 2.39 -17.29
CA LEU B 245 -1.38 3.08 -17.97
C LEU B 245 -0.92 4.23 -17.09
N VAL B 246 0.38 4.42 -17.03
CA VAL B 246 1.00 5.51 -16.25
C VAL B 246 2.22 6.07 -16.99
N THR B 247 2.39 7.39 -16.95
CA THR B 247 3.64 8.01 -17.38
C THR B 247 4.52 8.20 -16.15
N MET B 248 5.80 7.85 -16.25
CA MET B 248 6.71 7.92 -15.12
C MET B 248 8.07 8.31 -15.65
N PRO B 249 8.93 8.84 -14.80
CA PRO B 249 10.32 9.03 -15.14
C PRO B 249 10.97 7.66 -15.42
N LYS B 250 12.15 7.70 -15.99
CA LYS B 250 12.90 6.46 -16.14
C LYS B 250 13.37 5.88 -14.82
N ARG B 251 13.63 4.58 -14.81
CA ARG B 251 14.00 3.90 -13.58
C ARG B 251 15.49 4.09 -13.40
N TYR B 252 15.85 5.01 -12.51
CA TYR B 252 17.24 5.34 -12.28
C TYR B 252 17.96 4.27 -11.51
N ASP B 253 17.23 3.46 -10.74
CA ASP B 253 17.92 2.39 -9.98
C ASP B 253 18.54 1.30 -10.85
N GLN B 254 18.10 1.26 -12.11
CA GLN B 254 18.61 0.26 -13.08
C GLN B 254 19.88 0.75 -13.75
N ASP B 255 20.25 2.03 -13.54
CA ASP B 255 21.54 2.55 -14.04
C ASP B 255 22.72 1.93 -13.30
N PRO B 256 23.71 1.38 -14.01
CA PRO B 256 24.97 0.88 -13.43
C PRO B 256 25.80 1.76 -12.49
N ALA B 257 25.88 3.07 -12.71
CA ALA B 257 26.65 3.94 -11.80
C ALA B 257 25.98 4.09 -10.40
N ASN B 258 24.71 3.76 -10.35
CA ASN B 258 23.88 4.02 -9.19
C ASN B 258 23.83 2.81 -8.27
N GLN B 259 24.63 1.79 -8.55
CA GLN B 259 24.41 0.52 -7.80
C GLN B 259 24.91 0.56 -6.38
N GLY B 260 25.90 1.38 -6.10
CA GLY B 260 26.37 1.62 -4.75
C GLY B 260 25.28 2.21 -3.86
N ILE B 261 24.54 3.18 -4.41
CA ILE B 261 23.44 3.78 -3.68
C ILE B 261 22.27 2.77 -3.51
N VAL B 262 22.01 2.00 -4.55
CA VAL B 262 21.01 0.92 -4.51
C VAL B 262 21.38 -0.04 -3.35
N ASP B 263 22.66 -0.41 -3.24
CA ASP B 263 23.08 -1.32 -2.17
C ASP B 263 22.92 -0.71 -0.80
N ALA B 264 23.25 0.58 -0.68
CA ALA B 264 23.05 1.33 0.56
C ALA B 264 21.58 1.35 0.99
N LEU B 265 20.67 1.56 0.05
CA LEU B 265 19.25 1.60 0.40
C LEU B 265 18.75 0.21 0.82
N LYS B 266 19.19 -0.81 0.08
CA LYS B 266 18.88 -2.24 0.36
C LYS B 266 19.39 -2.67 1.74
N ALA B 267 20.58 -2.18 2.10
CA ALA B 267 21.20 -2.44 3.42
C ALA B 267 20.23 -1.91 4.49
N ASP B 268 19.60 -0.75 4.24
CA ASP B 268 18.59 -0.18 5.16
C ASP B 268 17.18 -0.80 5.07
N LYS B 269 17.02 -1.74 4.17
CA LYS B 269 15.71 -2.38 3.89
C LYS B 269 14.67 -1.33 3.47
N LYS B 270 15.16 -0.40 2.64
CA LYS B 270 14.37 0.62 1.98
C LYS B 270 14.27 0.25 0.49
N ASP B 271 13.18 0.68 -0.16
CA ASP B 271 12.94 0.31 -1.56
C ASP B 271 13.68 1.36 -2.42
N PRO B 272 14.60 0.92 -3.26
CA PRO B 272 15.36 1.82 -4.15
C PRO B 272 14.77 2.04 -5.51
N SER B 273 13.62 1.49 -5.79
CA SER B 273 13.12 1.54 -7.15
C SER B 273 12.32 2.85 -7.47
N GLY B 274 11.92 3.59 -6.45
CA GLY B 274 11.11 4.78 -6.69
C GLY B 274 11.89 5.91 -7.35
N PRO B 275 11.30 6.54 -8.34
CA PRO B 275 12.05 7.48 -9.20
C PRO B 275 12.44 8.68 -8.35
N TYR B 276 11.61 9.03 -7.39
CA TYR B 276 11.80 10.20 -6.55
C TYR B 276 12.88 10.07 -5.53
N VAL B 277 13.28 8.85 -5.25
CA VAL B 277 14.46 8.68 -4.42
C VAL B 277 15.63 9.36 -5.13
N TRP B 278 15.74 9.05 -6.38
CA TRP B 278 16.90 9.50 -7.21
C TRP B 278 16.79 10.97 -7.60
N ILE B 279 15.58 11.41 -7.91
CA ILE B 279 15.35 12.82 -8.30
C ILE B 279 15.64 13.73 -7.08
N THR B 280 15.26 13.29 -5.87
CA THR B 280 15.59 14.05 -4.68
C THR B 280 17.13 14.04 -4.35
N TYR B 281 17.74 12.86 -4.46
CA TYR B 281 19.19 12.70 -4.27
C TYR B 281 19.86 13.67 -5.21
N ALA B 282 19.36 13.77 -6.45
CA ALA B 282 19.94 14.63 -7.48
C ALA B 282 19.85 16.14 -7.14
N ALA B 283 18.76 16.54 -6.49
CA ALA B 283 18.60 17.94 -6.02
C ALA B 283 19.67 18.31 -4.93
N VAL B 284 19.95 17.38 -4.02
CA VAL B 284 20.97 17.53 -3.04
C VAL B 284 22.33 17.64 -3.69
N GLN B 285 22.60 16.78 -4.68
CA GLN B 285 23.85 16.80 -5.40
C GLN B 285 24.00 18.16 -6.08
N SER B 286 22.91 18.70 -6.58
CA SER B 286 22.94 19.93 -7.37
C SER B 286 23.35 21.09 -6.44
N LEU B 287 22.68 21.14 -5.27
CA LEU B 287 23.01 22.08 -4.28
C LEU B 287 24.47 21.95 -3.88
N ALA B 288 24.90 20.73 -3.59
CA ALA B 288 26.28 20.56 -3.16
C ALA B 288 27.27 20.99 -4.22
N THR B 289 27.01 20.68 -5.48
CA THR B 289 27.89 21.05 -6.55
C THR B 289 28.05 22.54 -6.63
N ALA B 290 26.96 23.27 -6.53
CA ALA B 290 27.06 24.71 -6.60
C ALA B 290 27.90 25.26 -5.41
N LEU B 291 27.64 24.71 -4.22
CA LEU B 291 28.36 25.13 -3.02
C LEU B 291 29.85 24.95 -3.18
N GLU B 292 30.22 23.79 -3.71
CA GLU B 292 31.61 23.41 -3.94
C GLU B 292 32.23 24.29 -5.00
N ARG B 293 31.52 24.50 -6.10
CA ARG B 293 32.13 25.07 -7.26
C ARG B 293 32.31 26.60 -7.09
N THR B 294 31.32 27.28 -6.51
CA THR B 294 31.33 28.73 -6.40
C THR B 294 32.15 29.21 -5.25
N GLY B 295 32.11 28.47 -4.15
CA GLY B 295 32.68 28.97 -2.89
C GLY B 295 31.81 30.04 -2.25
N SER B 296 30.58 30.20 -2.70
CA SER B 296 29.67 31.21 -2.20
C SER B 296 28.59 30.57 -1.33
N ASP B 297 28.05 31.35 -0.39
CA ASP B 297 26.91 30.93 0.38
C ASP B 297 25.59 31.58 -0.10
N GLU B 298 25.62 32.39 -1.18
CA GLU B 298 24.51 33.25 -1.52
C GLU B 298 23.56 32.47 -2.44
N PRO B 299 22.34 32.21 -1.99
CA PRO B 299 21.35 31.52 -2.81
C PRO B 299 21.31 31.92 -4.29
N LEU B 300 21.26 33.23 -4.59
CA LEU B 300 21.21 33.65 -5.99
C LEU B 300 22.44 33.27 -6.79
N ALA B 301 23.62 33.36 -6.20
CA ALA B 301 24.82 32.93 -6.89
C ALA B 301 24.79 31.44 -7.19
N LEU B 302 24.27 30.65 -6.27
CA LEU B 302 24.20 29.20 -6.46
C LEU B 302 23.24 28.82 -7.59
N VAL B 303 22.07 29.47 -7.63
CA VAL B 303 21.10 29.21 -8.69
C VAL B 303 21.67 29.61 -10.06
N LYS B 304 22.28 30.81 -10.11
CA LYS B 304 22.92 31.29 -11.32
C LYS B 304 24.02 30.36 -11.77
N ASP B 305 24.81 29.86 -10.82
CA ASP B 305 25.89 28.93 -11.13
C ASP B 305 25.32 27.63 -11.76
N LEU B 306 24.23 27.11 -11.21
CA LEU B 306 23.67 25.84 -11.75
C LEU B 306 23.05 26.07 -13.13
N LYS B 307 22.42 27.22 -13.35
CA LYS B 307 21.84 27.55 -14.63
C LYS B 307 22.91 27.68 -15.73
N ALA B 308 24.10 28.14 -15.36
CA ALA B 308 25.16 28.35 -16.33
C ALA B 308 25.96 27.10 -16.50
N ASN B 309 26.22 26.39 -15.41
CA ASN B 309 27.26 25.33 -15.41
C ASN B 309 26.77 23.87 -15.22
N GLY B 310 25.50 23.72 -14.84
CA GLY B 310 24.96 22.40 -14.65
C GLY B 310 25.49 21.57 -13.48
N ALA B 311 25.10 20.31 -13.49
CA ALA B 311 25.50 19.44 -12.41
C ALA B 311 25.50 17.98 -12.89
N ASN B 312 26.44 17.15 -12.43
CA ASN B 312 26.38 15.71 -12.72
C ASN B 312 25.69 15.00 -11.56
N THR B 313 24.71 14.17 -11.85
CA THR B 313 23.88 13.64 -10.75
C THR B 313 23.51 12.21 -11.05
N VAL B 314 22.84 11.59 -10.07
CA VAL B 314 22.29 10.23 -10.26
C VAL B 314 21.23 10.10 -11.31
N ILE B 315 20.64 11.23 -11.75
CA ILE B 315 19.65 11.16 -12.83
C ILE B 315 20.18 11.65 -14.18
N GLY B 316 21.46 11.85 -14.19
CA GLY B 316 22.25 12.21 -15.36
C GLY B 316 22.86 13.59 -15.22
N PRO B 317 23.57 14.02 -16.26
CA PRO B 317 24.06 15.40 -16.32
C PRO B 317 22.88 16.36 -16.50
N LEU B 318 22.78 17.34 -15.60
CA LEU B 318 21.65 18.25 -15.60
C LEU B 318 22.06 19.60 -16.20
N ASN B 319 21.18 20.11 -17.02
CA ASN B 319 21.31 21.42 -17.63
C ASN B 319 19.99 22.11 -17.44
N TRP B 320 20.00 23.22 -16.74
CA TRP B 320 18.82 23.98 -16.52
C TRP B 320 18.71 25.18 -17.45
N ASP B 321 17.47 25.54 -17.78
CA ASP B 321 17.25 26.79 -18.49
C ASP B 321 17.16 27.99 -17.54
N GLU B 322 16.99 29.19 -18.09
CA GLU B 322 17.08 30.38 -17.28
C GLU B 322 15.96 30.48 -16.30
N LYS B 323 14.89 29.78 -16.58
CA LYS B 323 13.73 29.80 -15.66
C LYS B 323 13.80 28.81 -14.47
N GLY B 324 14.75 27.90 -14.51
CA GLY B 324 14.88 26.92 -13.48
C GLY B 324 14.46 25.52 -13.77
N ASP B 325 14.05 25.26 -15.00
CA ASP B 325 13.61 23.92 -15.40
C ASP B 325 14.70 23.11 -16.03
N LEU B 326 14.62 21.82 -15.90
CA LEU B 326 15.57 20.97 -16.61
C LEU B 326 15.27 20.93 -18.10
N LYS B 327 16.30 20.92 -18.91
CA LYS B 327 16.16 20.53 -20.31
C LYS B 327 16.16 18.99 -20.41
N GLY B 328 15.22 18.42 -21.16
CA GLY B 328 15.36 17.06 -21.59
C GLY B 328 14.83 16.01 -20.64
N PHE B 329 13.97 16.37 -19.70
CA PHE B 329 13.42 15.38 -18.76
C PHE B 329 12.18 14.73 -19.41
N ASP B 330 12.33 13.45 -19.75
CA ASP B 330 11.33 12.74 -20.46
C ASP B 330 10.56 11.79 -19.57
N PHE B 331 9.26 11.64 -19.86
CA PHE B 331 8.46 10.65 -19.18
C PHE B 331 8.14 9.50 -20.17
N GLY B 332 8.19 8.25 -19.71
CA GLY B 332 7.83 7.12 -20.55
C GLY B 332 6.47 6.54 -20.12
N VAL B 333 5.86 5.74 -20.95
CA VAL B 333 4.57 5.19 -20.62
C VAL B 333 4.78 3.76 -20.14
N PHE B 334 4.05 3.38 -19.11
CA PHE B 334 4.18 2.04 -18.54
C PHE B 334 2.81 1.43 -18.33
N GLN B 335 2.77 0.10 -18.26
CA GLN B 335 1.54 -0.64 -18.02
C GLN B 335 1.72 -1.25 -16.62
N TRP B 336 0.76 -1.05 -15.77
CA TRP B 336 0.87 -1.45 -14.36
C TRP B 336 0.31 -2.86 -14.23
N HIS B 337 0.63 -3.47 -13.10
CA HIS B 337 0.19 -4.84 -12.79
C HIS B 337 -0.29 -4.99 -11.36
N ALA B 338 -1.02 -6.07 -11.11
CA ALA B 338 -1.64 -6.36 -9.77
C ALA B 338 -0.61 -6.52 -8.69
N ASP B 339 0.59 -6.97 -9.04
CA ASP B 339 1.67 -7.14 -8.07
C ASP B 339 2.50 -5.91 -7.78
N GLY B 340 2.14 -4.75 -8.34
CA GLY B 340 2.99 -3.60 -8.17
C GLY B 340 4.05 -3.37 -9.23
N SER B 341 4.34 -4.39 -10.00
CA SER B 341 5.27 -4.27 -11.09
C SER B 341 4.66 -3.45 -12.24
N SER B 342 5.53 -3.02 -13.14
CA SER B 342 5.13 -2.28 -14.31
C SER B 342 6.03 -2.63 -15.49
N THR B 343 5.53 -2.53 -16.70
CA THR B 343 6.24 -2.88 -17.91
C THR B 343 6.26 -1.69 -18.84
N LYS B 344 7.38 -1.46 -19.53
CA LYS B 344 7.41 -0.43 -20.60
C LYS B 344 6.30 -0.76 -21.58
N ALA B 345 5.44 0.20 -21.86
CA ALA B 345 4.41 0.03 -22.87
C ALA B 345 5.01 -0.01 -24.28
N LYS B 346 6.05 0.59 -24.57
#